data_4XWH
#
_entry.id   4XWH
#
_cell.length_a   205.088
_cell.length_b   205.088
_cell.length_c   78.398
_cell.angle_alpha   90.00
_cell.angle_beta   90.00
_cell.angle_gamma   120.00
#
_symmetry.space_group_name_H-M   'P 63'
#
loop_
_entity.id
_entity.type
_entity.pdbx_description
1 polymer Alpha-N-acetylglucosaminidase
2 branched beta-D-mannopyranose-(1-4)-2-acetamido-2-deoxy-beta-D-glucopyranose-(1-4)-2-acetamido-2-deoxy-beta-D-glucopyranose
3 branched 2-acetamido-2-deoxy-beta-D-glucopyranose-(1-4)-2-acetamido-2-deoxy-beta-D-glucopyranose
4 non-polymer 2-acetamido-2-deoxy-beta-D-glucopyranose
5 non-polymer GLYCEROL
6 non-polymer Xylitol
7 water water
#
_entity_poly.entity_id   1
_entity_poly.type   'polypeptide(L)'
_entity_poly.pdbx_seq_one_letter_code
;DEAREAAAVRALVARLLGPGPAADFSVSVERALAAKPGLDTYSLGGGGAARVRVRGSTGVAAAAGLHRYLRDFCGCHVAW
SGSQLRLPRPLPAVPGELTEATPNRYRYYQNVCTQSYSFVWWDWARWEREIDWMALNGINLALAWSGQEAIWQRVYLALG
LTQAEINEFFTGPAFLAWGRMGNLHTWDGPLPPSWHIKQLYLQHRVLDQMRSFGMTPVLPAFAGHVPEAVTRVFPQVNVT
KMGSWGHFNCSYSCSFLLAPEDPIFPIIGSLFLRELIKEFGTD(NEP)IYGADTFNEMQPPSSEPSYLAAATTAVYEAMT
AVDTEAVWLLQGWLFQHQPQFWGPAQIRAVLGAVPRGRLLVLDLFAESQPVYTRTASFQGQPFIWCMLHNFGGNHGLFGA
LEAVNGGPEAARLFPNSTMVGTGMAPEGISQNEVVYSLMAELGWRKDPVPDLAAWVTSFAARRYGVSHPDAGAAWRLLLR
SVYNCSGEACRGHNRSPLVRRPSLQMNTSIWYNRSDVFEAWRLLLTSAPSLATSPAFRYDLLDLTRQAVQELVSLYYEEA
RSAYLSKELASLLRAGGVLAYELLPALDEVLASDSRFLLGSWLEQARAAAVSEAEADFYEQNSRYQLTLWGPEGNILDYA
NKQLAGLVANYYTPRWRLFLEALVDSVAQGIPFQQHQFDKNVFQLEQAFVLSKQRYPSQPRGDTVDLAKKIFLKYYPRWV
AGSW
;
_entity_poly.pdbx_strand_id   A
#
loop_
_chem_comp.id
_chem_comp.type
_chem_comp.name
_chem_comp.formula
BMA D-saccharide, beta linking beta-D-mannopyranose 'C6 H12 O6'
GOL non-polymer GLYCEROL 'C3 H8 O3'
NAG D-saccharide, beta linking 2-acetamido-2-deoxy-beta-D-glucopyranose 'C8 H15 N O6'
XYL D-saccharide Xylitol 'C5 H12 O5'
#
# COMPACT_ATOMS: atom_id res chain seq x y z
N ASP A 1 -12.38 6.32 -27.41
CA ASP A 1 -11.79 5.84 -28.69
C ASP A 1 -10.32 6.30 -28.80
N GLU A 2 -9.68 6.02 -29.93
CA GLU A 2 -8.29 6.40 -30.19
C GLU A 2 -8.04 7.88 -29.93
N ALA A 3 -8.87 8.75 -30.47
CA ALA A 3 -8.68 10.19 -30.33
C ALA A 3 -8.74 10.66 -28.90
N ARG A 4 -9.70 10.17 -28.12
CA ARG A 4 -9.83 10.57 -26.73
C ARG A 4 -8.63 10.09 -25.89
N GLU A 5 -8.12 8.91 -26.22
CA GLU A 5 -6.95 8.37 -25.53
C GLU A 5 -5.69 9.18 -25.82
N ALA A 6 -5.52 9.58 -27.07
CA ALA A 6 -4.38 10.42 -27.46
C ALA A 6 -4.46 11.79 -26.79
N ALA A 7 -5.66 12.37 -26.70
CA ALA A 7 -5.85 13.67 -26.02
C ALA A 7 -5.54 13.60 -24.50
N ALA A 8 -5.87 12.47 -23.90
CA ALA A 8 -5.60 12.22 -22.50
C ALA A 8 -4.09 12.15 -22.26
N VAL A 9 -3.39 11.49 -23.16
CA VAL A 9 -1.92 11.41 -23.05
C VAL A 9 -1.27 12.76 -23.34
N ARG A 10 -1.80 13.50 -24.33
CA ARG A 10 -1.34 14.88 -24.56
C ARG A 10 -1.47 15.76 -23.32
N ALA A 11 -2.61 15.67 -22.63
CA ALA A 11 -2.80 16.45 -21.41
C ALA A 11 -1.86 16.02 -20.25
N LEU A 12 -1.62 14.71 -20.15
CA LEU A 12 -0.57 14.17 -19.25
C LEU A 12 0.82 14.80 -19.49
N VAL A 13 1.23 14.87 -20.75
CA VAL A 13 2.54 15.44 -21.07
C VAL A 13 2.62 16.89 -20.60
N ALA A 14 1.55 17.65 -20.84
CA ALA A 14 1.47 19.06 -20.40
C ALA A 14 1.47 19.23 -18.85
N ARG A 15 0.79 18.36 -18.13
CA ARG A 15 0.87 18.42 -16.67
C ARG A 15 2.28 18.05 -16.21
N LEU A 16 2.94 17.15 -16.91
CA LEU A 16 4.16 16.56 -16.43
C LEU A 16 5.35 17.50 -16.69
N LEU A 17 5.39 18.06 -17.90
CA LEU A 17 6.54 18.84 -18.37
C LEU A 17 6.28 20.32 -18.58
N GLY A 18 5.01 20.73 -18.54
CA GLY A 18 4.59 22.05 -18.95
C GLY A 18 4.13 22.09 -20.39
N PRO A 19 3.19 23.01 -20.72
CA PRO A 19 2.69 23.12 -22.10
C PRO A 19 3.76 23.53 -23.10
N GLY A 20 4.77 24.31 -22.68
CA GLY A 20 5.89 24.67 -23.58
C GLY A 20 6.66 23.46 -24.09
N PRO A 21 7.36 22.72 -23.20
CA PRO A 21 8.05 21.48 -23.61
C PRO A 21 7.15 20.40 -24.22
N ALA A 22 5.88 20.34 -23.82
CA ALA A 22 4.93 19.35 -24.40
C ALA A 22 4.79 19.45 -25.91
N ALA A 23 4.84 20.66 -26.47
CA ALA A 23 4.79 20.85 -27.92
C ALA A 23 5.90 20.14 -28.68
N ASP A 24 6.97 19.68 -28.02
CA ASP A 24 8.01 18.87 -28.68
C ASP A 24 7.69 17.40 -28.83
N PHE A 25 6.51 16.98 -28.40
CA PHE A 25 6.08 15.61 -28.46
C PHE A 25 4.86 15.48 -29.39
N SER A 26 4.89 14.48 -30.28
CA SER A 26 3.76 14.17 -31.14
C SER A 26 3.20 12.84 -30.65
N VAL A 27 2.04 12.93 -30.00
CA VAL A 27 1.37 11.78 -29.43
C VAL A 27 0.26 11.27 -30.36
N SER A 28 0.19 9.96 -30.58
CA SER A 28 -0.97 9.40 -31.24
C SER A 28 -1.26 8.01 -30.71
N VAL A 29 -2.48 7.57 -30.92
CA VAL A 29 -2.95 6.26 -30.50
C VAL A 29 -3.58 5.58 -31.71
N GLU A 30 -3.10 4.37 -32.00
CA GLU A 30 -3.46 3.64 -33.24
C GLU A 30 -3.56 2.18 -32.85
N ARG A 31 -4.77 1.65 -32.83
CA ARG A 31 -5.03 0.23 -32.50
C ARG A 31 -4.11 -0.75 -33.25
N ALA A 32 -3.92 -0.53 -34.56
CA ALA A 32 -3.12 -1.42 -35.41
C ALA A 32 -1.63 -1.51 -35.05
N LEU A 33 -1.14 -0.67 -34.14
CA LEU A 33 0.23 -0.75 -33.68
C LEU A 33 0.51 -2.07 -32.95
N ALA A 34 -0.51 -2.63 -32.31
CA ALA A 34 -0.38 -3.92 -31.64
C ALA A 34 -0.45 -5.06 -32.67
N ALA A 35 0.55 -5.94 -32.66
CA ALA A 35 0.56 -7.14 -33.50
C ALA A 35 -0.51 -8.20 -33.06
N LYS A 36 -0.71 -8.34 -31.76
CA LYS A 36 -1.61 -9.34 -31.19
C LYS A 36 -2.70 -8.59 -30.43
N PRO A 37 -3.98 -8.87 -30.72
CA PRO A 37 -5.06 -8.19 -29.98
C PRO A 37 -4.86 -8.22 -28.46
N GLY A 38 -4.94 -7.06 -27.81
CA GLY A 38 -4.82 -6.96 -26.36
C GLY A 38 -3.42 -7.13 -25.76
N LEU A 39 -2.34 -7.14 -26.58
CA LEU A 39 -0.97 -6.97 -26.06
C LEU A 39 -0.47 -5.57 -26.41
N ASP A 40 -0.50 -4.70 -25.42
CA ASP A 40 -0.28 -3.28 -25.59
C ASP A 40 1.12 -3.04 -26.11
N THR A 41 1.22 -2.09 -27.02
CA THR A 41 2.46 -1.79 -27.70
C THR A 41 2.65 -0.28 -27.82
N TYR A 42 3.89 0.17 -27.65
CA TYR A 42 4.26 1.55 -27.99
C TYR A 42 5.41 1.58 -28.98
N SER A 43 5.58 2.74 -29.60
CA SER A 43 6.75 3.00 -30.42
C SER A 43 7.24 4.41 -30.21
N LEU A 44 8.55 4.56 -30.32
CA LEU A 44 9.22 5.83 -30.19
C LEU A 44 9.99 6.11 -31.48
N GLY A 45 9.92 7.35 -31.94
CA GLY A 45 10.78 7.85 -33.03
C GLY A 45 11.12 9.32 -32.87
N GLY A 46 12.00 9.81 -33.74
CA GLY A 46 12.24 11.23 -33.84
C GLY A 46 13.17 11.73 -32.77
N GLY A 47 12.95 12.97 -32.32
CA GLY A 47 13.88 13.67 -31.42
C GLY A 47 14.97 14.37 -32.22
N GLY A 48 15.91 15.00 -31.52
CA GLY A 48 17.00 15.73 -32.18
C GLY A 48 16.45 17.01 -32.80
N ALA A 49 16.58 17.14 -34.12
CA ALA A 49 15.96 18.24 -34.87
C ALA A 49 14.45 18.06 -34.98
N ALA A 50 13.94 16.84 -34.85
CA ALA A 50 12.50 16.56 -35.00
C ALA A 50 11.77 16.39 -33.65
N ARG A 51 10.44 16.52 -33.67
CA ARG A 51 9.65 16.18 -32.52
C ARG A 51 9.79 14.69 -32.13
N VAL A 52 9.64 14.39 -30.84
CA VAL A 52 9.64 13.01 -30.36
C VAL A 52 8.26 12.39 -30.63
N ARG A 53 8.23 11.30 -31.38
CA ARG A 53 7.00 10.65 -31.81
C ARG A 53 6.70 9.52 -30.84
N VAL A 54 5.60 9.63 -30.10
CA VAL A 54 5.18 8.56 -29.20
C VAL A 54 3.83 8.04 -29.65
N ARG A 55 3.81 6.76 -30.02
CA ARG A 55 2.60 6.09 -30.48
C ARG A 55 2.30 4.95 -29.52
N GLY A 56 1.02 4.76 -29.22
CA GLY A 56 0.58 3.59 -28.47
C GLY A 56 -0.60 2.90 -29.13
N SER A 57 -0.74 1.60 -28.90
CA SER A 57 -1.95 0.89 -29.31
C SER A 57 -3.14 1.29 -28.45
N THR A 58 -2.86 1.73 -27.23
CA THR A 58 -3.81 2.38 -26.31
C THR A 58 -3.18 3.62 -25.67
N GLY A 59 -4.00 4.38 -24.96
CA GLY A 59 -3.55 5.54 -24.23
C GLY A 59 -2.57 5.13 -23.15
N VAL A 60 -2.83 4.01 -22.46
CA VAL A 60 -1.87 3.61 -21.43
C VAL A 60 -0.52 3.20 -22.06
N ALA A 61 -0.56 2.49 -23.18
CA ALA A 61 0.67 2.14 -23.90
C ALA A 61 1.49 3.36 -24.30
N ALA A 62 0.79 4.39 -24.77
CA ALA A 62 1.47 5.60 -25.19
C ALA A 62 2.15 6.29 -24.02
N ALA A 63 1.48 6.29 -22.88
CA ALA A 63 2.00 6.88 -21.67
C ALA A 63 3.20 6.07 -21.16
N ALA A 64 3.10 4.76 -21.25
CA ALA A 64 4.25 3.92 -20.95
C ALA A 64 5.43 4.19 -21.90
N GLY A 65 5.18 4.41 -23.19
CA GLY A 65 6.23 4.77 -24.13
C GLY A 65 6.88 6.09 -23.76
N LEU A 66 6.05 7.06 -23.40
CA LEU A 66 6.57 8.34 -22.94
C LEU A 66 7.51 8.15 -21.76
N HIS A 67 7.11 7.31 -20.82
CA HIS A 67 7.93 7.08 -19.63
C HIS A 67 9.24 6.42 -20.01
N ARG A 68 9.14 5.44 -20.89
CA ARG A 68 10.27 4.76 -21.43
C ARG A 68 11.30 5.76 -22.04
N TYR A 69 10.79 6.70 -22.83
CA TYR A 69 11.62 7.68 -23.46
C TYR A 69 12.25 8.60 -22.40
N LEU A 70 11.44 9.09 -21.47
CA LEU A 70 11.94 10.05 -20.47
C LEU A 70 12.97 9.44 -19.55
N ARG A 71 12.78 8.18 -19.21
CA ARG A 71 13.67 7.47 -18.33
C ARG A 71 14.98 7.17 -19.05
N ASP A 72 14.92 6.41 -20.15
CA ASP A 72 16.14 5.84 -20.72
C ASP A 72 16.90 6.77 -21.67
N PHE A 73 16.20 7.71 -22.31
CA PHE A 73 16.87 8.65 -23.19
C PHE A 73 17.14 9.94 -22.45
N CYS A 74 16.21 10.40 -21.62
CA CYS A 74 16.43 11.68 -20.94
C CYS A 74 16.99 11.60 -19.51
N GLY A 75 17.01 10.41 -18.90
CA GLY A 75 17.48 10.30 -17.51
C GLY A 75 16.48 10.80 -16.48
N CYS A 76 15.21 10.83 -16.79
CA CYS A 76 14.21 11.31 -15.88
C CYS A 76 13.70 10.23 -14.93
N HIS A 77 13.00 10.70 -13.90
CA HIS A 77 12.51 9.85 -12.84
C HIS A 77 11.21 10.41 -12.29
N VAL A 78 10.21 9.53 -12.13
CA VAL A 78 8.92 9.88 -11.51
C VAL A 78 8.62 8.92 -10.38
N ALA A 79 8.25 9.46 -9.23
CA ALA A 79 7.88 8.67 -8.05
C ALA A 79 6.91 9.45 -7.15
N TRP A 80 6.28 8.73 -6.23
CA TRP A 80 5.37 9.33 -5.25
C TRP A 80 6.00 10.51 -4.51
N SER A 81 7.25 10.39 -4.12
CA SER A 81 7.92 11.44 -3.36
C SER A 81 8.31 12.69 -4.13
N GLY A 82 8.31 12.63 -5.45
CA GLY A 82 8.77 13.73 -6.30
C GLY A 82 9.31 13.19 -7.63
N SER A 83 9.81 14.08 -8.44
CA SER A 83 10.20 13.76 -9.82
C SER A 83 11.46 14.51 -10.18
N GLN A 84 12.17 14.00 -11.17
CA GLN A 84 13.35 14.65 -11.69
C GLN A 84 13.12 14.71 -13.20
N LEU A 85 12.76 15.89 -13.69
CA LEU A 85 12.22 16.04 -15.05
C LEU A 85 12.99 17.02 -15.94
N ARG A 86 14.30 17.11 -15.70
CA ARG A 86 15.21 17.85 -16.57
C ARG A 86 15.24 17.21 -17.97
N LEU A 87 14.98 18.01 -18.98
CA LEU A 87 15.05 17.57 -20.37
C LEU A 87 16.32 18.12 -21.00
N PRO A 88 17.13 17.26 -21.65
CA PRO A 88 18.22 17.81 -22.49
C PRO A 88 17.70 18.65 -23.68
N ARG A 89 18.49 19.65 -24.09
CA ARG A 89 18.19 20.42 -25.30
C ARG A 89 19.42 20.33 -26.19
N PRO A 90 19.33 19.77 -27.41
CA PRO A 90 18.09 19.24 -27.99
C PRO A 90 17.66 17.94 -27.32
N LEU A 91 16.40 17.57 -27.51
CA LEU A 91 15.91 16.29 -26.98
C LEU A 91 16.63 15.17 -27.70
N PRO A 92 17.06 14.11 -26.98
CA PRO A 92 17.79 13.03 -27.66
C PRO A 92 17.00 12.33 -28.76
N ALA A 93 17.72 11.86 -29.77
CA ALA A 93 17.15 11.26 -30.96
C ALA A 93 17.06 9.76 -30.75
N VAL A 94 15.98 9.13 -31.22
CA VAL A 94 15.88 7.67 -31.12
C VAL A 94 16.28 7.08 -32.49
N PRO A 95 17.15 6.04 -32.49
CA PRO A 95 17.57 5.45 -33.78
C PRO A 95 16.46 4.64 -34.46
N GLY A 96 15.97 5.11 -35.61
CA GLY A 96 14.87 4.47 -36.32
C GLY A 96 13.54 4.50 -35.57
N GLU A 97 12.89 3.34 -35.51
CA GLU A 97 11.63 3.15 -34.79
C GLU A 97 11.80 2.07 -33.73
N LEU A 98 11.71 2.48 -32.46
CA LEU A 98 11.80 1.56 -31.34
C LEU A 98 10.37 1.18 -30.93
N THR A 99 9.99 -0.08 -31.12
CA THR A 99 8.64 -0.51 -30.78
C THR A 99 8.68 -1.70 -29.80
N GLU A 100 7.97 -1.58 -28.68
CA GLU A 100 7.99 -2.59 -27.63
C GLU A 100 6.59 -2.94 -27.22
N ALA A 101 6.34 -4.23 -27.06
CA ALA A 101 5.08 -4.74 -26.61
C ALA A 101 5.32 -5.46 -25.29
N THR A 102 4.40 -5.30 -24.34
CA THR A 102 4.36 -6.11 -23.12
C THR A 102 3.94 -7.52 -23.44
N PRO A 103 4.44 -8.53 -22.71
CA PRO A 103 3.77 -9.85 -22.70
C PRO A 103 2.54 -9.97 -21.76
N ASN A 104 2.28 -8.96 -20.95
CA ASN A 104 1.14 -8.93 -20.01
C ASN A 104 -0.16 -8.29 -20.52
N ARG A 105 -1.24 -9.07 -20.58
CA ARG A 105 -2.57 -8.55 -20.92
C ARG A 105 -2.99 -7.48 -19.92
N TYR A 106 -2.67 -7.66 -18.64
CA TYR A 106 -2.93 -6.66 -17.62
C TYR A 106 -1.69 -6.28 -16.80
N ARG A 107 -1.59 -5.00 -16.48
CA ARG A 107 -0.79 -4.55 -15.33
C ARG A 107 -1.67 -3.92 -14.33
N TYR A 108 -1.68 -4.51 -13.16
CA TYR A 108 -2.68 -4.27 -12.12
C TYR A 108 -2.10 -3.43 -10.99
N TYR A 109 -2.92 -2.59 -10.37
CA TYR A 109 -2.48 -1.81 -9.22
C TYR A 109 -3.57 -1.68 -8.19
N GLN A 110 -3.16 -1.82 -6.91
CA GLN A 110 -3.87 -1.47 -5.64
C GLN A 110 -4.35 -2.68 -4.84
N ASN A 111 -4.19 -2.58 -3.52
CA ASN A 111 -4.78 -3.49 -2.57
C ASN A 111 -6.09 -2.82 -2.13
N VAL A 112 -7.03 -3.63 -1.70
CA VAL A 112 -8.21 -3.10 -1.06
C VAL A 112 -7.81 -2.27 0.18
N CYS A 113 -6.82 -2.74 0.92
CA CYS A 113 -6.35 -2.01 2.08
C CYS A 113 -5.79 -0.63 1.75
N THR A 114 -5.24 -0.44 0.55
CA THR A 114 -4.56 0.81 0.24
C THR A 114 -5.56 1.97 0.27
N GLN A 115 -6.81 1.63 0.01
CA GLN A 115 -7.89 2.61 0.02
C GLN A 115 -8.05 3.26 1.40
N SER A 116 -7.85 2.46 2.44
CA SER A 116 -7.92 2.95 3.79
C SER A 116 -6.57 3.40 4.35
N TYR A 117 -5.48 2.69 4.06
CA TYR A 117 -4.20 3.02 4.70
C TYR A 117 -3.53 4.24 4.02
N SER A 118 -3.72 4.45 2.73
CA SER A 118 -3.06 5.56 2.03
C SER A 118 -4.04 6.56 1.40
N PHE A 119 -5.09 6.08 0.74
CA PHE A 119 -5.94 6.98 -0.07
C PHE A 119 -7.10 7.63 0.69
N VAL A 120 -7.33 7.29 1.97
CA VAL A 120 -8.55 7.70 2.65
C VAL A 120 -8.92 9.17 2.44
N TRP A 121 -7.98 10.07 2.72
CA TRP A 121 -8.24 11.50 2.78
C TRP A 121 -7.80 12.19 1.47
N TRP A 122 -7.42 11.45 0.44
CA TRP A 122 -7.11 12.06 -0.86
C TRP A 122 -8.29 12.88 -1.44
N ASP A 123 -7.97 14.04 -1.98
CA ASP A 123 -8.86 14.83 -2.81
C ASP A 123 -8.55 14.51 -4.29
N TRP A 124 -9.33 15.12 -5.17
CA TRP A 124 -9.16 14.91 -6.60
C TRP A 124 -7.73 15.26 -7.06
N ALA A 125 -7.18 16.35 -6.56
CA ALA A 125 -5.86 16.76 -7.03
C ALA A 125 -4.84 15.62 -6.83
N ARG A 126 -4.89 14.98 -5.66
CA ARG A 126 -3.95 13.90 -5.39
C ARG A 126 -4.24 12.69 -6.26
N TRP A 127 -5.52 12.34 -6.43
CA TRP A 127 -5.87 11.22 -7.30
C TRP A 127 -5.45 11.46 -8.77
N GLU A 128 -5.58 12.68 -9.24
CA GLU A 128 -5.15 13.03 -10.57
C GLU A 128 -3.64 12.75 -10.73
N ARG A 129 -2.82 13.15 -9.73
CA ARG A 129 -1.39 12.83 -9.81
CA ARG A 129 -1.39 12.85 -9.78
C ARG A 129 -1.18 11.33 -9.83
N GLU A 130 -1.98 10.58 -9.05
CA GLU A 130 -1.82 9.11 -9.00
C GLU A 130 -2.19 8.41 -10.29
N ILE A 131 -3.22 8.91 -10.96
CA ILE A 131 -3.60 8.31 -12.23
C ILE A 131 -2.54 8.58 -13.32
N ASP A 132 -1.84 9.70 -13.23
CA ASP A 132 -0.67 9.96 -14.07
C ASP A 132 0.49 8.99 -13.80
N TRP A 133 0.80 8.80 -12.54
CA TRP A 133 1.78 7.79 -12.13
C TRP A 133 1.36 6.42 -12.70
N MET A 134 0.08 6.07 -12.59
CA MET A 134 -0.43 4.80 -13.13
C MET A 134 -0.25 4.67 -14.65
N ALA A 135 -0.54 5.73 -15.36
CA ALA A 135 -0.47 5.70 -16.80
C ALA A 135 0.97 5.60 -17.24
N LEU A 136 1.86 6.37 -16.61
CA LEU A 136 3.29 6.29 -16.91
C LEU A 136 3.87 4.90 -16.62
N ASN A 137 3.32 4.23 -15.62
CA ASN A 137 3.76 2.86 -15.30
C ASN A 137 2.99 1.80 -16.07
N GLY A 138 2.24 2.21 -17.08
CA GLY A 138 1.58 1.28 -17.94
C GLY A 138 0.42 0.49 -17.36
N ILE A 139 -0.18 0.97 -16.27
CA ILE A 139 -1.25 0.28 -15.60
C ILE A 139 -2.55 0.42 -16.40
N ASN A 140 -3.20 -0.70 -16.69
CA ASN A 140 -4.52 -0.73 -17.36
C ASN A 140 -5.61 -1.43 -16.60
N LEU A 141 -5.34 -1.89 -15.39
CA LEU A 141 -6.38 -2.48 -14.54
C LEU A 141 -6.14 -2.03 -13.12
N ALA A 142 -7.16 -1.45 -12.51
CA ALA A 142 -7.03 -1.01 -11.11
C ALA A 142 -8.35 -0.79 -10.45
N LEU A 143 -8.37 -0.86 -9.14
CA LEU A 143 -9.59 -0.63 -8.38
C LEU A 143 -10.03 0.82 -8.52
N ALA A 144 -11.34 1.03 -8.67
CA ALA A 144 -11.95 2.35 -8.45
C ALA A 144 -12.99 2.17 -7.32
N TRP A 145 -12.47 2.18 -6.11
CA TRP A 145 -13.22 1.77 -4.91
C TRP A 145 -13.98 2.92 -4.19
N SER A 146 -13.85 4.15 -4.64
CA SER A 146 -14.43 5.30 -3.91
C SER A 146 -15.96 5.35 -4.09
N GLY A 147 -16.64 5.78 -3.03
CA GLY A 147 -18.05 6.07 -3.10
C GLY A 147 -19.02 4.91 -3.04
N GLN A 148 -18.52 3.70 -2.77
CA GLN A 148 -19.39 2.54 -2.78
C GLN A 148 -20.38 2.53 -1.61
N GLU A 149 -20.00 3.11 -0.48
CA GLU A 149 -20.93 3.22 0.64
C GLU A 149 -22.14 4.11 0.31
N ALA A 150 -21.94 5.19 -0.46
CA ALA A 150 -23.06 6.00 -0.90
C ALA A 150 -24.08 5.18 -1.74
N ILE A 151 -23.59 4.24 -2.55
CA ILE A 151 -24.45 3.39 -3.33
C ILE A 151 -25.17 2.40 -2.41
N TRP A 152 -24.43 1.76 -1.49
CA TRP A 152 -25.09 0.90 -0.50
C TRP A 152 -26.13 1.62 0.30
N GLN A 153 -25.91 2.88 0.59
CA GLN A 153 -26.91 3.64 1.31
C GLN A 153 -28.21 3.73 0.53
N ARG A 154 -28.12 3.95 -0.78
CA ARG A 154 -29.32 4.00 -1.64
C ARG A 154 -30.01 2.67 -1.64
N VAL A 155 -29.23 1.63 -1.70
CA VAL A 155 -29.77 0.28 -1.76
C VAL A 155 -30.49 -0.05 -0.47
N TYR A 156 -29.84 0.19 0.64
CA TYR A 156 -30.45 -0.13 1.93
C TYR A 156 -31.70 0.68 2.23
N LEU A 157 -31.71 1.96 1.86
CA LEU A 157 -32.93 2.77 2.02
C LEU A 157 -34.08 2.19 1.21
N ALA A 158 -33.79 1.75 -0.01
CA ALA A 158 -34.79 1.16 -0.90
C ALA A 158 -35.28 -0.17 -0.38
N LEU A 159 -34.41 -0.92 0.30
CA LEU A 159 -34.81 -2.17 0.99
C LEU A 159 -35.58 -1.96 2.28
N GLY A 160 -35.67 -0.73 2.78
CA GLY A 160 -36.52 -0.41 3.98
C GLY A 160 -35.70 -0.24 5.28
N LEU A 161 -34.37 -0.23 5.20
CA LEU A 161 -33.56 0.05 6.40
C LEU A 161 -33.70 1.54 6.71
N THR A 162 -33.66 1.89 7.99
CA THR A 162 -33.70 3.29 8.41
C THR A 162 -32.32 3.93 8.23
N GLN A 163 -32.30 5.26 8.15
CA GLN A 163 -31.05 6.00 8.08
C GLN A 163 -30.18 5.71 9.29
N ALA A 164 -30.79 5.58 10.47
CA ALA A 164 -30.05 5.27 11.70
C ALA A 164 -29.41 3.88 11.63
N GLU A 165 -30.13 2.86 11.13
CA GLU A 165 -29.54 1.54 10.92
C GLU A 165 -28.35 1.60 9.95
N ILE A 166 -28.48 2.39 8.88
CA ILE A 166 -27.42 2.50 7.89
C ILE A 166 -26.20 3.20 8.53
N ASN A 167 -26.42 4.29 9.25
CA ASN A 167 -25.33 5.02 9.92
C ASN A 167 -24.55 4.16 10.91
N GLU A 168 -25.27 3.34 11.69
CA GLU A 168 -24.67 2.42 12.66
C GLU A 168 -23.82 1.31 11.98
N PHE A 169 -24.09 1.04 10.72
CA PHE A 169 -23.54 -0.12 10.06
C PHE A 169 -22.16 0.13 9.51
N PHE A 170 -21.98 1.25 8.79
CA PHE A 170 -20.66 1.52 8.22
C PHE A 170 -19.61 1.85 9.28
N THR A 171 -18.36 1.53 8.99
CA THR A 171 -17.27 1.94 9.86
C THR A 171 -16.94 3.42 9.61
N GLY A 172 -16.04 3.97 10.39
CA GLY A 172 -15.46 5.28 10.07
C GLY A 172 -14.58 5.16 8.83
N PRO A 173 -14.18 6.30 8.25
CA PRO A 173 -13.50 6.27 6.96
C PRO A 173 -12.20 5.46 6.91
N ALA A 174 -11.41 5.55 7.97
CA ALA A 174 -10.15 4.83 8.05
C ALA A 174 -10.26 3.32 8.13
N PHE A 175 -11.45 2.76 8.30
CA PHE A 175 -11.62 1.32 8.47
C PHE A 175 -12.53 0.66 7.42
N LEU A 176 -12.84 1.40 6.36
CA LEU A 176 -13.77 0.95 5.35
C LEU A 176 -13.29 -0.26 4.59
N ALA A 177 -11.96 -0.42 4.40
CA ALA A 177 -11.49 -1.62 3.70
C ALA A 177 -12.05 -2.89 4.36
N TRP A 178 -12.15 -2.86 5.69
CA TRP A 178 -12.49 -4.06 6.44
C TRP A 178 -13.99 -4.20 6.61
N GLY A 179 -14.68 -3.07 6.59
CA GLY A 179 -16.14 -3.05 6.48
C GLY A 179 -16.63 -3.64 5.18
N ARG A 180 -16.00 -3.24 4.08
CA ARG A 180 -16.36 -3.76 2.76
C ARG A 180 -16.16 -5.30 2.61
N MET A 181 -15.13 -5.85 3.23
CA MET A 181 -14.92 -7.32 3.21
C MET A 181 -15.77 -8.11 4.21
N GLY A 182 -16.54 -7.41 5.05
CA GLY A 182 -17.31 -8.04 6.13
C GLY A 182 -16.51 -8.47 7.35
N ASN A 183 -15.24 -8.04 7.45
CA ASN A 183 -14.46 -8.26 8.68
C ASN A 183 -15.00 -7.43 9.86
N LEU A 184 -15.50 -6.23 9.55
CA LEU A 184 -15.94 -5.25 10.50
C LEU A 184 -17.25 -4.66 10.08
N HIS A 185 -17.87 -4.04 11.07
CA HIS A 185 -18.95 -3.09 10.87
C HIS A 185 -18.89 -2.10 12.04
N THR A 186 -19.45 -0.91 11.85
CA THR A 186 -19.74 0.03 12.91
C THR A 186 -18.52 0.80 13.45
N TRP A 187 -17.39 0.13 13.64
CA TRP A 187 -16.25 0.68 14.37
C TRP A 187 -15.81 2.05 13.88
N ASP A 188 -15.91 2.97 14.83
CA ASP A 188 -15.49 4.34 14.72
C ASP A 188 -16.23 5.16 13.67
N GLY A 189 -17.47 4.78 13.37
CA GLY A 189 -18.34 5.64 12.55
C GLY A 189 -19.09 6.63 13.41
N PRO A 190 -20.12 7.28 12.87
CA PRO A 190 -20.64 7.03 11.51
C PRO A 190 -19.94 7.85 10.43
N LEU A 191 -20.13 7.45 9.17
CA LEU A 191 -19.74 8.29 8.05
C LEU A 191 -20.68 9.50 7.94
N PRO A 192 -20.13 10.72 7.99
CA PRO A 192 -21.00 11.86 7.90
C PRO A 192 -21.49 12.16 6.48
N PRO A 193 -22.53 12.96 6.37
CA PRO A 193 -23.11 13.21 5.04
C PRO A 193 -22.09 13.80 4.04
N SER A 194 -21.22 14.69 4.48
CA SER A 194 -20.23 15.25 3.59
C SER A 194 -19.30 14.19 2.95
N TRP A 195 -19.07 13.09 3.67
CA TRP A 195 -18.22 12.04 3.17
C TRP A 195 -18.79 11.49 1.85
N HIS A 196 -20.07 11.16 1.84
CA HIS A 196 -20.69 10.62 0.65
C HIS A 196 -20.67 11.61 -0.51
N ILE A 197 -20.94 12.88 -0.22
CA ILE A 197 -20.94 13.90 -1.25
C ILE A 197 -19.55 13.96 -1.90
N LYS A 198 -18.51 13.98 -1.07
CA LYS A 198 -17.13 14.08 -1.58
C LYS A 198 -16.66 12.85 -2.29
N GLN A 199 -17.04 11.67 -1.82
CA GLN A 199 -16.60 10.44 -2.45
C GLN A 199 -17.32 10.17 -3.78
N LEU A 200 -18.59 10.53 -3.87
CA LEU A 200 -19.27 10.44 -5.17
C LEU A 200 -18.63 11.37 -6.18
N TYR A 201 -18.39 12.61 -5.76
CA TYR A 201 -17.69 13.57 -6.60
C TYR A 201 -16.36 12.97 -7.10
N LEU A 202 -15.59 12.46 -6.15
CA LEU A 202 -14.27 11.92 -6.45
C LEU A 202 -14.33 10.80 -7.45
N GLN A 203 -15.22 9.85 -7.19
CA GLN A 203 -15.31 8.66 -8.01
C GLN A 203 -15.65 8.98 -9.46
N HIS A 204 -16.53 9.94 -9.72
CA HIS A 204 -16.80 10.31 -11.08
C HIS A 204 -15.57 10.81 -11.85
N ARG A 205 -14.76 11.63 -11.18
CA ARG A 205 -13.55 12.17 -11.78
C ARG A 205 -12.47 11.08 -11.97
N VAL A 206 -12.32 10.19 -10.99
CA VAL A 206 -11.43 9.07 -11.13
C VAL A 206 -11.81 8.21 -12.32
N LEU A 207 -13.07 7.82 -12.42
CA LEU A 207 -13.50 6.96 -13.49
C LEU A 207 -13.37 7.63 -14.84
N ASP A 208 -13.79 8.88 -14.96
CA ASP A 208 -13.64 9.59 -16.22
C ASP A 208 -12.16 9.62 -16.67
N GLN A 209 -11.27 9.88 -15.74
CA GLN A 209 -9.85 10.03 -16.04
C GLN A 209 -9.24 8.69 -16.44
N MET A 210 -9.52 7.65 -15.67
CA MET A 210 -9.04 6.31 -15.98
C MET A 210 -9.51 5.86 -17.34
N ARG A 211 -10.82 5.99 -17.58
CA ARG A 211 -11.39 5.59 -18.86
C ARG A 211 -10.82 6.40 -20.03
N SER A 212 -10.51 7.67 -19.84
CA SER A 212 -9.99 8.49 -20.90
C SER A 212 -8.66 7.91 -21.41
N PHE A 213 -7.86 7.30 -20.54
CA PHE A 213 -6.60 6.65 -20.93
C PHE A 213 -6.79 5.27 -21.53
N GLY A 214 -7.99 4.70 -21.37
CA GLY A 214 -8.21 3.32 -21.75
C GLY A 214 -7.89 2.35 -20.63
N MET A 215 -7.77 2.82 -19.40
CA MET A 215 -7.68 1.92 -18.24
C MET A 215 -9.04 1.26 -17.99
N THR A 216 -9.01 0.06 -17.40
CA THR A 216 -10.21 -0.65 -16.97
C THR A 216 -10.29 -0.49 -15.43
N PRO A 217 -11.25 0.31 -14.94
CA PRO A 217 -11.48 0.41 -13.50
C PRO A 217 -12.35 -0.72 -13.01
N VAL A 218 -11.90 -1.37 -11.96
CA VAL A 218 -12.67 -2.47 -11.38
C VAL A 218 -13.66 -1.83 -10.42
N LEU A 219 -14.85 -2.41 -10.36
CA LEU A 219 -15.92 -1.89 -9.52
C LEU A 219 -16.30 -2.96 -8.52
N PRO A 220 -16.79 -2.57 -7.34
CA PRO A 220 -17.20 -3.55 -6.35
C PRO A 220 -18.55 -4.22 -6.64
N ALA A 221 -18.77 -5.37 -6.02
CA ALA A 221 -20.04 -6.07 -6.07
C ALA A 221 -20.33 -6.72 -4.71
N PHE A 222 -21.56 -7.17 -4.55
CA PHE A 222 -22.03 -7.84 -3.33
C PHE A 222 -21.44 -9.24 -3.20
N ALA A 223 -20.91 -9.55 -2.03
CA ALA A 223 -20.30 -10.85 -1.75
C ALA A 223 -21.02 -11.67 -0.69
N GLY A 224 -22.15 -11.16 -0.19
CA GLY A 224 -23.02 -11.89 0.74
C GLY A 224 -23.20 -11.29 2.13
N HIS A 225 -22.36 -10.34 2.51
CA HIS A 225 -22.39 -9.74 3.85
C HIS A 225 -23.45 -8.67 3.88
N VAL A 226 -24.29 -8.73 4.92
CA VAL A 226 -25.39 -7.82 5.09
C VAL A 226 -25.45 -7.35 6.54
N PRO A 227 -25.97 -6.15 6.77
CA PRO A 227 -26.22 -5.67 8.13
C PRO A 227 -27.29 -6.50 8.82
N GLU A 228 -27.19 -6.62 10.14
CA GLU A 228 -28.17 -7.33 10.95
C GLU A 228 -29.60 -6.80 10.70
N ALA A 229 -29.73 -5.51 10.44
CA ALA A 229 -31.06 -4.93 10.21
C ALA A 229 -31.82 -5.47 8.98
N VAL A 230 -31.12 -6.07 8.02
CA VAL A 230 -31.75 -6.85 6.98
C VAL A 230 -32.72 -7.92 7.53
N THR A 231 -32.39 -8.51 8.67
CA THR A 231 -33.27 -9.44 9.34
C THR A 231 -34.50 -8.81 10.01
N ARG A 232 -34.54 -7.48 10.16
CA ARG A 232 -35.81 -6.82 10.52
C ARG A 232 -36.75 -6.71 9.30
N VAL A 233 -36.22 -6.30 8.15
CA VAL A 233 -37.11 -6.11 6.98
C VAL A 233 -37.41 -7.43 6.29
N PHE A 234 -36.46 -8.36 6.33
CA PHE A 234 -36.66 -9.69 5.77
C PHE A 234 -36.41 -10.70 6.88
N PRO A 235 -37.42 -10.95 7.76
CA PRO A 235 -37.17 -11.78 8.96
C PRO A 235 -37.01 -13.27 8.72
N GLN A 236 -37.29 -13.75 7.52
CA GLN A 236 -37.10 -15.15 7.20
C GLN A 236 -35.82 -15.43 6.45
N VAL A 237 -34.92 -14.45 6.27
CA VAL A 237 -33.63 -14.79 5.63
C VAL A 237 -32.80 -15.79 6.41
N ASN A 238 -32.16 -16.69 5.68
CA ASN A 238 -31.19 -17.61 6.21
C ASN A 238 -29.80 -16.91 6.23
N VAL A 239 -29.29 -16.64 7.44
CA VAL A 239 -27.99 -16.00 7.63
C VAL A 239 -27.15 -16.79 8.62
N THR A 240 -25.84 -16.78 8.43
CA THR A 240 -24.93 -17.31 9.42
CA THR A 240 -24.89 -17.32 9.38
C THR A 240 -24.08 -16.14 9.93
N LYS A 241 -23.87 -16.12 11.24
CA LYS A 241 -23.10 -15.11 11.88
C LYS A 241 -21.64 -15.60 11.85
N MET A 242 -20.75 -14.84 11.23
CA MET A 242 -19.33 -15.19 11.19
C MET A 242 -18.69 -15.07 12.57
N GLY A 243 -17.45 -15.58 12.65
CA GLY A 243 -16.63 -15.42 13.84
C GLY A 243 -16.10 -14.01 14.01
N SER A 244 -15.46 -13.82 15.15
CA SER A 244 -14.75 -12.60 15.49
C SER A 244 -13.51 -12.46 14.60
N TRP A 245 -13.39 -11.37 13.87
CA TRP A 245 -12.15 -11.00 13.21
C TRP A 245 -11.39 -9.92 13.99
N GLY A 246 -10.07 -10.02 13.98
CA GLY A 246 -9.18 -9.06 14.60
C GLY A 246 -9.40 -8.80 16.07
N HIS A 247 -9.84 -9.82 16.80
CA HIS A 247 -10.18 -9.67 18.23
C HIS A 247 -11.28 -8.64 18.56
N PHE A 248 -12.07 -8.23 17.58
CA PHE A 248 -13.24 -7.39 17.82
C PHE A 248 -14.42 -8.24 18.29
N ASN A 249 -15.19 -7.74 19.24
CA ASN A 249 -16.41 -8.42 19.68
C ASN A 249 -17.53 -8.22 18.65
N CYS A 250 -18.73 -8.70 18.95
CA CYS A 250 -19.83 -8.79 17.99
C CYS A 250 -20.52 -7.45 17.75
N SER A 251 -20.18 -6.43 18.52
CA SER A 251 -20.58 -5.07 18.18
C SER A 251 -19.87 -4.51 16.97
N TYR A 252 -18.68 -5.03 16.68
CA TYR A 252 -17.86 -4.58 15.56
C TYR A 252 -17.47 -5.63 14.51
N SER A 253 -17.67 -6.90 14.75
CA SER A 253 -17.32 -7.95 13.79
C SER A 253 -18.45 -8.98 13.86
N CYS A 254 -18.17 -10.26 13.57
CA CYS A 254 -19.19 -11.29 13.58
C CYS A 254 -20.30 -10.91 12.58
N SER A 255 -19.90 -10.72 11.33
CA SER A 255 -20.75 -10.29 10.27
C SER A 255 -21.85 -11.31 9.89
N PHE A 256 -23.01 -10.82 9.46
CA PHE A 256 -24.09 -11.68 8.98
C PHE A 256 -23.87 -12.01 7.51
N LEU A 257 -23.70 -13.30 7.21
CA LEU A 257 -23.51 -13.78 5.85
C LEU A 257 -24.81 -14.42 5.34
N LEU A 258 -25.38 -13.84 4.30
CA LEU A 258 -26.63 -14.34 3.70
C LEU A 258 -26.37 -15.66 2.96
N ALA A 259 -27.18 -16.66 3.24
CA ALA A 259 -26.97 -18.01 2.66
C ALA A 259 -27.07 -17.93 1.13
N PRO A 260 -26.26 -18.74 0.40
CA PRO A 260 -26.15 -18.59 -1.04
C PRO A 260 -27.43 -18.80 -1.80
N GLU A 261 -28.28 -19.68 -1.30
CA GLU A 261 -29.55 -19.98 -1.93
C GLU A 261 -30.76 -19.29 -1.35
N ASP A 262 -30.55 -18.34 -0.45
CA ASP A 262 -31.63 -17.49 0.00
C ASP A 262 -32.21 -16.68 -1.16
N PRO A 263 -33.55 -16.62 -1.27
CA PRO A 263 -34.10 -15.87 -2.41
C PRO A 263 -33.76 -14.40 -2.40
N ILE A 264 -33.45 -13.85 -1.24
CA ILE A 264 -33.04 -12.46 -1.14
C ILE A 264 -31.63 -12.18 -1.74
N PHE A 265 -30.80 -13.21 -1.91
CA PHE A 265 -29.41 -12.99 -2.33
C PHE A 265 -29.32 -12.31 -3.69
N PRO A 266 -29.92 -12.90 -4.76
CA PRO A 266 -29.85 -12.23 -6.05
C PRO A 266 -30.57 -10.89 -6.06
N ILE A 267 -31.54 -10.72 -5.17
CA ILE A 267 -32.28 -9.45 -5.12
C ILE A 267 -31.42 -8.31 -4.61
N ILE A 268 -30.70 -8.53 -3.51
CA ILE A 268 -29.78 -7.54 -2.96
C ILE A 268 -28.60 -7.31 -3.89
N GLY A 269 -28.00 -8.41 -4.36
CA GLY A 269 -26.84 -8.34 -5.24
C GLY A 269 -27.14 -7.58 -6.52
N SER A 270 -28.31 -7.85 -7.11
CA SER A 270 -28.73 -7.22 -8.35
C SER A 270 -29.03 -5.74 -8.13
N LEU A 271 -29.71 -5.41 -7.02
CA LEU A 271 -30.09 -4.03 -6.75
C LEU A 271 -28.81 -3.17 -6.56
N PHE A 272 -27.80 -3.73 -5.90
CA PHE A 272 -26.56 -2.98 -5.69
C PHE A 272 -25.87 -2.75 -7.02
N LEU A 273 -25.73 -3.77 -7.84
CA LEU A 273 -25.00 -3.59 -9.08
C LEU A 273 -25.74 -2.66 -10.02
N ARG A 274 -27.06 -2.76 -10.03
CA ARG A 274 -27.86 -1.90 -10.86
C ARG A 274 -27.72 -0.44 -10.44
N GLU A 275 -27.78 -0.16 -9.14
CA GLU A 275 -27.60 1.20 -8.66
C GLU A 275 -26.16 1.71 -8.89
N LEU A 276 -25.19 0.82 -8.74
CA LEU A 276 -23.83 1.21 -8.98
C LEU A 276 -23.64 1.62 -10.43
N ILE A 277 -24.17 0.81 -11.33
CA ILE A 277 -24.04 1.04 -12.75
C ILE A 277 -24.86 2.24 -13.22
N LYS A 278 -26.05 2.48 -12.67
CA LYS A 278 -26.81 3.71 -12.98
C LYS A 278 -25.95 4.95 -12.68
N GLU A 279 -25.29 4.97 -11.53
CA GLU A 279 -24.47 6.11 -11.16
C GLU A 279 -23.15 6.18 -11.94
N PHE A 280 -22.45 5.05 -12.12
CA PHE A 280 -21.06 5.11 -12.57
C PHE A 280 -20.77 4.45 -13.90
N GLY A 281 -21.75 3.81 -14.55
CA GLY A 281 -21.40 2.98 -15.69
C GLY A 281 -20.54 1.79 -15.22
N THR A 282 -19.99 1.04 -16.17
CA THR A 282 -19.25 -0.15 -15.85
C THR A 282 -18.28 -0.51 -16.99
N ASP A 283 -17.18 -1.17 -16.65
CA ASP A 283 -16.32 -1.77 -17.64
C ASP A 283 -16.25 -3.28 -17.47
N NEP A 284 -17.25 -3.86 -16.79
CA NEP A 284 -17.53 -5.32 -16.83
C NEP A 284 -16.60 -6.17 -15.95
O NEP A 284 -16.64 -7.40 -16.03
CB NEP A 284 -17.61 -5.86 -18.29
CG NEP A 284 -18.48 -4.98 -19.17
ND1 NEP A 284 -19.81 -4.75 -18.95
CD2 NEP A 284 -18.09 -4.23 -20.31
CE1 NEP A 284 -20.24 -3.89 -19.90
NE2 NEP A 284 -19.21 -3.59 -20.71
P NEP A 284 -19.39 -2.45 -22.13
O1P NEP A 284 -18.12 -1.57 -22.44
O2P NEP A 284 -20.49 -1.52 -21.82
O3P NEP A 284 -19.86 -3.26 -23.45
N ILE A 285 -15.77 -5.54 -15.11
CA ILE A 285 -14.94 -6.29 -14.15
C ILE A 285 -15.31 -5.82 -12.74
N TYR A 286 -15.63 -6.79 -11.90
CA TYR A 286 -16.16 -6.57 -10.59
C TYR A 286 -15.34 -7.32 -9.57
N GLY A 287 -15.02 -6.67 -8.46
CA GLY A 287 -14.32 -7.31 -7.35
C GLY A 287 -15.27 -7.64 -6.21
N ALA A 288 -15.12 -8.83 -5.66
CA ALA A 288 -15.92 -9.25 -4.49
C ALA A 288 -15.16 -10.35 -3.79
N ASP A 289 -15.32 -10.38 -2.47
CA ASP A 289 -14.66 -11.36 -1.62
C ASP A 289 -15.53 -11.62 -0.39
N THR A 290 -15.86 -12.89 -0.18
CA THR A 290 -16.73 -13.33 0.88
C THR A 290 -15.98 -13.77 2.14
N PHE A 291 -14.82 -14.38 1.96
CA PHE A 291 -14.13 -15.08 3.03
C PHE A 291 -12.68 -14.59 3.26
N ASN A 292 -12.42 -13.32 3.03
CA ASN A 292 -11.09 -12.77 3.28
C ASN A 292 -10.82 -12.77 4.78
N GLU A 293 -9.92 -13.67 5.21
CA GLU A 293 -9.52 -13.82 6.59
C GLU A 293 -10.66 -14.28 7.51
N MET A 294 -11.66 -14.98 6.94
CA MET A 294 -12.81 -15.46 7.71
C MET A 294 -13.11 -16.86 7.27
N GLN A 295 -13.16 -17.75 8.24
CA GLN A 295 -13.33 -19.16 7.92
C GLN A 295 -14.77 -19.40 7.51
N PRO A 296 -14.98 -19.97 6.31
CA PRO A 296 -16.36 -20.29 5.92
C PRO A 296 -17.02 -21.24 6.91
N PRO A 297 -18.35 -21.19 7.06
CA PRO A 297 -19.03 -22.08 8.03
C PRO A 297 -18.99 -23.59 7.69
N SER A 298 -18.54 -23.98 6.49
CA SER A 298 -18.39 -25.38 6.18
C SER A 298 -17.30 -25.57 5.16
N SER A 299 -16.63 -26.72 5.22
CA SER A 299 -15.62 -27.09 4.25
C SER A 299 -16.16 -28.01 3.14
N GLU A 300 -17.45 -28.33 3.15
CA GLU A 300 -18.06 -29.11 2.08
C GLU A 300 -17.89 -28.41 0.71
N PRO A 301 -17.28 -29.09 -0.28
CA PRO A 301 -17.21 -28.51 -1.61
C PRO A 301 -18.54 -28.03 -2.17
N SER A 302 -19.62 -28.78 -1.94
CA SER A 302 -20.90 -28.36 -2.49
C SER A 302 -21.36 -27.00 -1.92
N TYR A 303 -21.09 -26.75 -0.63
CA TYR A 303 -21.44 -25.47 0.00
C TYR A 303 -20.59 -24.33 -0.61
N LEU A 304 -19.29 -24.58 -0.70
CA LEU A 304 -18.37 -23.55 -1.17
C LEU A 304 -18.62 -23.19 -2.65
N ALA A 305 -18.97 -24.17 -3.47
CA ALA A 305 -19.41 -23.91 -4.84
C ALA A 305 -20.67 -23.04 -4.89
N ALA A 306 -21.66 -23.36 -4.05
CA ALA A 306 -22.89 -22.57 -4.00
C ALA A 306 -22.64 -21.12 -3.52
N ALA A 307 -21.82 -20.93 -2.48
CA ALA A 307 -21.45 -19.57 -2.04
C ALA A 307 -20.75 -18.75 -3.11
N THR A 308 -19.88 -19.42 -3.91
CA THR A 308 -19.26 -18.71 -5.01
C THR A 308 -20.18 -18.48 -6.23
N THR A 309 -20.97 -19.48 -6.61
CA THR A 309 -21.90 -19.32 -7.73
C THR A 309 -22.93 -18.22 -7.42
N ALA A 310 -23.41 -18.16 -6.18
CA ALA A 310 -24.34 -17.11 -5.77
C ALA A 310 -23.81 -15.68 -6.03
N VAL A 311 -22.52 -15.45 -5.77
CA VAL A 311 -22.03 -14.09 -6.03
C VAL A 311 -21.87 -13.81 -7.53
N TYR A 312 -21.38 -14.77 -8.30
CA TYR A 312 -21.19 -14.60 -9.73
C TYR A 312 -22.54 -14.44 -10.46
N GLU A 313 -23.53 -15.22 -10.04
CA GLU A 313 -24.87 -15.14 -10.63
C GLU A 313 -25.54 -13.82 -10.35
N ALA A 314 -25.32 -13.23 -9.16
CA ALA A 314 -25.84 -11.90 -8.90
C ALA A 314 -25.24 -10.87 -9.85
N MET A 315 -23.96 -11.01 -10.19
CA MET A 315 -23.30 -10.13 -11.18
C MET A 315 -23.90 -10.30 -12.59
N THR A 316 -23.98 -11.54 -13.06
CA THR A 316 -24.45 -11.82 -14.44
C THR A 316 -25.94 -11.56 -14.59
N ALA A 317 -26.66 -11.55 -13.47
CA ALA A 317 -28.08 -11.25 -13.46
C ALA A 317 -28.31 -9.79 -13.83
N VAL A 318 -27.29 -8.92 -13.71
CA VAL A 318 -27.40 -7.59 -14.31
C VAL A 318 -26.47 -7.31 -15.48
N ASP A 319 -25.26 -7.84 -15.46
CA ASP A 319 -24.29 -7.66 -16.52
C ASP A 319 -23.79 -9.05 -17.00
N THR A 320 -24.32 -9.50 -18.14
CA THR A 320 -23.92 -10.80 -18.71
C THR A 320 -22.45 -10.87 -19.13
N GLU A 321 -21.81 -9.73 -19.36
CA GLU A 321 -20.38 -9.67 -19.65
C GLU A 321 -19.45 -9.73 -18.39
N ALA A 322 -20.02 -9.92 -17.20
CA ALA A 322 -19.25 -9.82 -15.99
C ALA A 322 -18.09 -10.79 -15.91
N VAL A 323 -16.95 -10.25 -15.49
CA VAL A 323 -15.76 -10.98 -15.09
C VAL A 323 -15.52 -10.63 -13.64
N TRP A 324 -15.26 -11.65 -12.80
CA TRP A 324 -15.09 -11.49 -11.36
C TRP A 324 -13.59 -11.56 -10.98
N LEU A 325 -13.09 -10.44 -10.48
CA LEU A 325 -11.75 -10.30 -9.99
C LEU A 325 -11.76 -10.72 -8.51
N LEU A 326 -11.05 -11.80 -8.20
CA LEU A 326 -11.06 -12.45 -6.90
C LEU A 326 -9.66 -12.36 -6.29
N GLN A 327 -9.57 -11.92 -5.05
CA GLN A 327 -8.32 -11.93 -4.32
C GLN A 327 -8.01 -13.35 -3.91
N GLY A 328 -6.80 -13.80 -4.18
CA GLY A 328 -6.37 -15.11 -3.75
C GLY A 328 -5.82 -15.18 -2.35
N TRP A 329 -5.84 -14.07 -1.58
CA TRP A 329 -5.17 -13.99 -0.26
C TRP A 329 -5.61 -15.10 0.68
N LEU A 330 -6.92 -15.37 0.68
CA LEU A 330 -7.47 -16.35 1.58
C LEU A 330 -6.87 -17.73 1.47
N PHE A 331 -6.45 -18.11 0.27
CA PHE A 331 -5.94 -19.44 0.03
C PHE A 331 -4.61 -19.64 0.75
N GLN A 332 -3.86 -18.57 0.79
CA GLN A 332 -2.57 -18.47 1.45
C GLN A 332 -2.74 -18.18 2.97
N HIS A 333 -3.77 -17.45 3.35
CA HIS A 333 -3.97 -17.02 4.74
C HIS A 333 -4.52 -18.12 5.64
N GLN A 334 -5.45 -18.95 5.14
CA GLN A 334 -5.99 -20.06 5.92
C GLN A 334 -5.76 -21.35 5.14
N PRO A 335 -4.47 -21.75 5.00
CA PRO A 335 -4.14 -22.92 4.19
C PRO A 335 -4.71 -24.23 4.75
N GLN A 336 -4.93 -24.28 6.05
CA GLN A 336 -5.49 -25.48 6.69
C GLN A 336 -6.97 -25.68 6.34
N PHE A 337 -7.72 -24.59 6.19
CA PHE A 337 -9.05 -24.71 5.66
C PHE A 337 -9.05 -24.98 4.15
N TRP A 338 -8.24 -24.22 3.41
CA TRP A 338 -8.29 -24.24 1.94
C TRP A 338 -7.45 -25.38 1.33
N GLY A 339 -7.91 -26.61 1.54
CA GLY A 339 -7.33 -27.77 0.90
C GLY A 339 -7.70 -27.80 -0.58
N PRO A 340 -7.13 -28.76 -1.34
CA PRO A 340 -7.35 -28.85 -2.78
C PRO A 340 -8.81 -28.91 -3.21
N ALA A 341 -9.61 -29.74 -2.53
CA ALA A 341 -11.04 -29.87 -2.85
C ALA A 341 -11.85 -28.61 -2.53
N GLN A 342 -11.42 -27.83 -1.53
CA GLN A 342 -12.12 -26.58 -1.19
C GLN A 342 -11.83 -25.52 -2.28
N ILE A 343 -10.56 -25.43 -2.67
CA ILE A 343 -10.16 -24.47 -3.71
C ILE A 343 -10.77 -24.86 -5.06
N ARG A 344 -10.72 -26.12 -5.43
CA ARG A 344 -11.32 -26.59 -6.67
C ARG A 344 -12.81 -26.23 -6.72
N ALA A 345 -13.50 -26.34 -5.58
CA ALA A 345 -14.92 -25.96 -5.49
C ALA A 345 -15.18 -24.50 -5.82
N VAL A 346 -14.34 -23.56 -5.34
CA VAL A 346 -14.57 -22.19 -5.71
C VAL A 346 -14.22 -21.90 -7.18
N LEU A 347 -13.04 -22.30 -7.59
CA LEU A 347 -12.53 -22.05 -8.94
C LEU A 347 -13.36 -22.71 -10.05
N GLY A 348 -13.91 -23.89 -9.77
CA GLY A 348 -14.79 -24.58 -10.70
C GLY A 348 -16.22 -24.04 -10.79
N ALA A 349 -16.63 -23.15 -9.89
CA ALA A 349 -18.01 -22.71 -9.79
C ALA A 349 -18.31 -21.51 -10.70
N VAL A 350 -17.30 -20.95 -11.36
CA VAL A 350 -17.56 -19.91 -12.34
C VAL A 350 -16.93 -20.34 -13.65
N PRO A 351 -17.55 -20.00 -14.78
CA PRO A 351 -17.01 -20.49 -16.07
C PRO A 351 -15.57 -20.05 -16.31
N ARG A 352 -14.83 -20.89 -17.03
CA ARG A 352 -13.41 -20.68 -17.22
C ARG A 352 -13.20 -19.36 -17.91
N GLY A 353 -12.32 -18.54 -17.36
CA GLY A 353 -12.09 -17.21 -17.93
C GLY A 353 -12.97 -16.13 -17.41
N ARG A 354 -13.97 -16.43 -16.57
CA ARG A 354 -14.79 -15.39 -15.94
C ARG A 354 -14.42 -15.10 -14.49
N LEU A 355 -13.43 -15.82 -13.97
CA LEU A 355 -12.81 -15.54 -12.68
C LEU A 355 -11.38 -15.12 -13.02
N LEU A 356 -11.01 -13.92 -12.64
CA LEU A 356 -9.64 -13.44 -12.84
C LEU A 356 -9.05 -13.34 -11.44
N VAL A 357 -8.09 -14.20 -11.10
CA VAL A 357 -7.66 -14.22 -9.70
C VAL A 357 -6.37 -13.50 -9.48
N LEU A 358 -6.32 -12.71 -8.42
CA LEU A 358 -5.11 -12.04 -8.01
C LEU A 358 -4.32 -12.97 -7.12
N ASP A 359 -3.17 -13.40 -7.58
CA ASP A 359 -2.21 -14.15 -6.77
C ASP A 359 -1.46 -13.07 -5.98
N LEU A 360 -2.02 -12.72 -4.84
CA LEU A 360 -1.79 -11.42 -4.26
C LEU A 360 -0.41 -11.24 -3.63
N PHE A 361 0.15 -12.32 -3.10
CA PHE A 361 1.44 -12.30 -2.42
C PHE A 361 2.39 -13.23 -3.14
N ALA A 362 2.42 -13.13 -4.48
CA ALA A 362 3.11 -14.11 -5.30
C ALA A 362 4.63 -14.09 -5.16
N GLU A 363 5.23 -12.98 -4.75
CA GLU A 363 6.68 -12.93 -4.58
C GLU A 363 7.19 -13.81 -3.43
N SER A 364 6.31 -14.15 -2.50
CA SER A 364 6.69 -14.92 -1.33
C SER A 364 5.79 -16.15 -1.08
N GLN A 365 4.46 -16.03 -1.25
CA GLN A 365 3.53 -17.16 -1.03
C GLN A 365 2.64 -17.36 -2.24
N PRO A 366 3.22 -17.71 -3.39
CA PRO A 366 2.36 -17.87 -4.58
C PRO A 366 1.38 -19.05 -4.43
N VAL A 367 0.17 -18.87 -4.91
CA VAL A 367 -0.83 -19.91 -4.92
C VAL A 367 -0.93 -20.64 -6.28
N TYR A 368 -0.53 -19.99 -7.39
CA TYR A 368 -0.63 -20.64 -8.74
C TYR A 368 0.12 -21.98 -8.74
N THR A 369 1.20 -21.92 -8.01
CA THR A 369 2.10 -23.02 -7.71
C THR A 369 1.49 -24.31 -7.12
N ARG A 370 0.50 -24.17 -6.25
CA ARG A 370 -0.07 -25.30 -5.51
CA ARG A 370 -0.06 -25.36 -5.57
C ARG A 370 -1.50 -25.64 -5.97
N THR A 371 -1.97 -25.01 -7.06
CA THR A 371 -3.32 -25.22 -7.56
C THR A 371 -3.37 -25.48 -9.05
N ALA A 372 -2.26 -25.94 -9.65
CA ALA A 372 -2.13 -26.14 -11.11
C ALA A 372 -2.64 -24.91 -11.90
N SER A 373 -2.06 -23.76 -11.57
CA SER A 373 -2.39 -22.47 -12.16
C SER A 373 -3.88 -22.17 -12.04
N PHE A 374 -4.36 -22.18 -10.81
CA PHE A 374 -5.75 -21.90 -10.45
C PHE A 374 -6.76 -22.73 -11.25
N GLN A 375 -6.43 -24.02 -11.42
CA GLN A 375 -7.25 -24.96 -12.20
C GLN A 375 -7.67 -24.41 -13.57
N GLY A 376 -6.77 -23.71 -14.26
CA GLY A 376 -7.08 -23.15 -15.59
C GLY A 376 -7.75 -21.77 -15.62
N GLN A 377 -8.07 -21.19 -14.46
CA GLN A 377 -8.58 -19.83 -14.43
C GLN A 377 -7.42 -18.84 -14.61
N PRO A 378 -7.66 -17.75 -15.35
CA PRO A 378 -6.60 -16.76 -15.49
C PRO A 378 -6.28 -16.09 -14.18
N PHE A 379 -5.01 -15.71 -14.03
CA PHE A 379 -4.51 -15.04 -12.83
C PHE A 379 -3.49 -13.95 -13.14
N ILE A 380 -3.38 -13.04 -12.16
CA ILE A 380 -2.43 -11.94 -12.21
C ILE A 380 -1.44 -12.19 -11.10
N TRP A 381 -0.16 -12.15 -11.42
CA TRP A 381 0.93 -12.37 -10.45
C TRP A 381 1.19 -11.03 -9.79
N CYS A 382 0.87 -10.92 -8.50
CA CYS A 382 1.07 -9.67 -7.76
C CYS A 382 2.22 -9.71 -6.79
N MET A 383 2.95 -8.60 -6.74
CA MET A 383 3.82 -8.33 -5.65
C MET A 383 3.01 -7.54 -4.63
N LEU A 384 2.93 -8.04 -3.42
CA LEU A 384 2.29 -7.36 -2.31
C LEU A 384 3.27 -6.42 -1.63
N HIS A 385 4.38 -7.00 -1.18
CA HIS A 385 5.49 -6.27 -0.59
C HIS A 385 5.24 -5.60 0.78
N ASN A 386 4.46 -4.54 0.82
CA ASN A 386 4.27 -3.75 2.02
C ASN A 386 3.00 -4.10 2.81
N PHE A 387 3.15 -4.23 4.13
CA PHE A 387 2.00 -4.38 5.04
C PHE A 387 1.83 -3.16 5.93
N GLY A 388 0.59 -2.75 6.15
CA GLY A 388 0.29 -1.66 7.06
C GLY A 388 0.71 -0.26 6.66
N GLY A 389 1.26 -0.12 5.45
CA GLY A 389 1.92 1.13 5.06
C GLY A 389 3.17 1.43 5.87
N ASN A 390 3.79 0.42 6.49
CA ASN A 390 4.91 0.67 7.40
C ASN A 390 6.12 1.25 6.71
N HIS A 391 6.75 2.22 7.36
CA HIS A 391 8.08 2.67 6.98
C HIS A 391 9.07 1.58 7.41
N GLY A 392 10.26 1.60 6.81
CA GLY A 392 11.26 0.54 7.06
C GLY A 392 11.75 0.06 5.71
N LEU A 393 13.07 -0.03 5.56
CA LEU A 393 13.69 -0.40 4.32
C LEU A 393 13.60 -1.91 4.24
N PHE A 394 12.91 -2.39 3.21
CA PHE A 394 12.68 -3.82 3.00
C PHE A 394 12.37 -4.12 1.54
N GLY A 395 12.91 -5.23 1.05
CA GLY A 395 12.50 -5.81 -0.23
C GLY A 395 13.07 -7.20 -0.41
N ALA A 396 12.44 -7.99 -1.26
CA ALA A 396 12.98 -9.30 -1.70
C ALA A 396 13.18 -9.22 -3.21
N LEU A 397 14.10 -8.36 -3.64
CA LEU A 397 14.19 -7.99 -5.05
C LEU A 397 14.63 -9.09 -6.02
N GLU A 398 15.36 -10.09 -5.54
CA GLU A 398 15.73 -11.23 -6.39
C GLU A 398 14.49 -12.07 -6.71
N ALA A 399 13.63 -12.29 -5.70
CA ALA A 399 12.38 -13.00 -5.86
C ALA A 399 11.36 -12.22 -6.74
N VAL A 400 11.31 -10.89 -6.66
CA VAL A 400 10.42 -10.18 -7.57
C VAL A 400 10.95 -10.18 -8.99
N ASN A 401 12.26 -9.97 -9.17
CA ASN A 401 12.85 -9.99 -10.51
C ASN A 401 12.67 -11.31 -11.28
N GLY A 402 12.77 -12.43 -10.59
CA GLY A 402 12.52 -13.75 -11.20
C GLY A 402 11.09 -14.28 -11.18
N GLY A 403 10.21 -13.66 -10.40
CA GLY A 403 8.86 -14.17 -10.19
C GLY A 403 7.93 -14.28 -11.40
N PRO A 404 7.71 -13.17 -12.13
CA PRO A 404 6.84 -13.24 -13.33
C PRO A 404 7.33 -14.24 -14.37
N GLU A 405 8.65 -14.31 -14.57
CA GLU A 405 9.19 -15.27 -15.51
C GLU A 405 8.88 -16.71 -15.07
N ALA A 406 9.11 -17.05 -13.79
CA ALA A 406 8.80 -18.41 -13.32
C ALA A 406 7.30 -18.71 -13.49
N ALA A 407 6.43 -17.72 -13.25
CA ALA A 407 4.98 -17.93 -13.40
C ALA A 407 4.58 -18.20 -14.84
N ARG A 408 5.21 -17.47 -15.74
CA ARG A 408 5.00 -17.62 -17.17
C ARG A 408 5.43 -19.00 -17.69
N LEU A 409 6.53 -19.50 -17.17
CA LEU A 409 7.09 -20.79 -17.55
C LEU A 409 6.46 -22.00 -16.85
N PHE A 410 5.70 -21.78 -15.77
CA PHE A 410 5.02 -22.86 -15.05
C PHE A 410 4.16 -23.71 -16.01
N PRO A 411 4.08 -25.03 -15.81
CA PRO A 411 3.29 -25.85 -16.75
C PRO A 411 1.82 -25.43 -16.79
N ASN A 412 1.29 -25.26 -17.99
CA ASN A 412 -0.09 -24.85 -18.24
C ASN A 412 -0.49 -23.51 -17.60
N SER A 413 0.50 -22.65 -17.43
CA SER A 413 0.30 -21.36 -16.80
C SER A 413 -0.83 -20.64 -17.46
N THR A 414 -1.71 -20.02 -16.65
CA THR A 414 -2.76 -19.16 -17.16
C THR A 414 -2.52 -17.70 -16.78
N MET A 415 -1.27 -17.34 -16.53
CA MET A 415 -0.91 -15.97 -16.18
C MET A 415 -1.33 -15.02 -17.27
N VAL A 416 -2.05 -13.97 -16.92
CA VAL A 416 -2.40 -12.92 -17.89
C VAL A 416 -1.92 -11.52 -17.50
N GLY A 417 -1.13 -11.43 -16.46
CA GLY A 417 -0.62 -10.15 -16.06
C GLY A 417 0.19 -10.15 -14.80
N THR A 418 0.68 -8.96 -14.45
CA THR A 418 1.46 -8.70 -13.25
C THR A 418 0.83 -7.58 -12.51
N GLY A 419 1.08 -7.48 -11.22
CA GLY A 419 0.47 -6.41 -10.40
C GLY A 419 1.28 -5.99 -9.19
N MET A 420 0.92 -4.84 -8.63
CA MET A 420 1.47 -4.28 -7.41
C MET A 420 0.32 -4.03 -6.47
N ALA A 421 0.33 -4.70 -5.33
CA ALA A 421 -0.78 -4.56 -4.36
C ALA A 421 -0.32 -4.27 -2.93
N PRO A 422 0.45 -3.17 -2.74
CA PRO A 422 0.86 -2.83 -1.40
C PRO A 422 -0.30 -2.38 -0.53
N GLU A 423 -0.24 -2.73 0.74
CA GLU A 423 -1.25 -2.29 1.69
C GLU A 423 -1.22 -0.81 1.89
N GLY A 424 -0.03 -0.21 1.88
CA GLY A 424 0.14 1.24 1.80
C GLY A 424 1.27 1.62 0.84
N ILE A 425 1.14 2.80 0.23
CA ILE A 425 2.18 3.34 -0.68
C ILE A 425 3.08 4.34 0.06
N SER A 426 3.86 5.14 -0.66
CA SER A 426 4.71 6.15 -0.07
C SER A 426 5.85 5.56 0.84
N GLN A 427 6.41 4.45 0.39
CA GLN A 427 7.60 3.88 0.94
C GLN A 427 8.30 3.04 -0.12
N ASN A 428 9.58 2.79 0.08
CA ASN A 428 10.39 1.87 -0.70
C ASN A 428 10.21 1.97 -2.19
N GLU A 429 10.34 3.20 -2.68
CA GLU A 429 10.06 3.49 -4.07
C GLU A 429 10.90 2.69 -5.06
N VAL A 430 12.11 2.26 -4.63
CA VAL A 430 12.92 1.37 -5.47
C VAL A 430 12.20 0.06 -5.84
N VAL A 431 11.39 -0.46 -4.95
CA VAL A 431 10.75 -1.74 -5.16
C VAL A 431 9.66 -1.63 -6.22
N TYR A 432 8.87 -0.56 -6.13
CA TYR A 432 7.78 -0.30 -7.05
C TYR A 432 8.29 0.09 -8.42
N SER A 433 9.43 0.74 -8.46
CA SER A 433 10.04 1.08 -9.72
C SER A 433 10.43 -0.19 -10.52
N LEU A 434 11.02 -1.16 -9.83
CA LEU A 434 11.31 -2.44 -10.46
C LEU A 434 10.05 -3.21 -10.87
N MET A 435 9.11 -3.38 -9.97
CA MET A 435 7.94 -4.20 -10.28
C MET A 435 7.11 -3.55 -11.39
N ALA A 436 7.01 -2.22 -11.39
CA ALA A 436 6.31 -1.55 -12.51
C ALA A 436 6.99 -1.87 -13.83
N GLU A 437 8.33 -1.79 -13.85
CA GLU A 437 9.09 -2.15 -15.06
C GLU A 437 8.85 -3.55 -15.55
N LEU A 438 8.75 -4.49 -14.62
CA LEU A 438 8.48 -5.88 -14.96
C LEU A 438 7.11 -6.02 -15.64
N GLY A 439 6.23 -5.05 -15.47
CA GLY A 439 5.01 -4.97 -16.22
C GLY A 439 5.21 -4.97 -17.72
N TRP A 440 6.26 -4.34 -18.22
CA TRP A 440 6.53 -4.20 -19.65
C TRP A 440 7.65 -5.08 -20.20
N ARG A 441 8.56 -5.57 -19.37
CA ARG A 441 9.69 -6.37 -19.85
C ARG A 441 9.33 -7.83 -20.18
N LYS A 442 10.05 -8.41 -21.12
CA LYS A 442 9.90 -9.83 -21.45
C LYS A 442 10.69 -10.71 -20.47
N ASP A 443 11.84 -10.20 -20.01
CA ASP A 443 12.78 -10.90 -19.15
C ASP A 443 13.04 -10.17 -17.84
N PRO A 444 13.54 -10.88 -16.83
CA PRO A 444 14.08 -10.23 -15.64
C PRO A 444 15.15 -9.18 -15.97
N VAL A 445 15.35 -8.18 -15.12
CA VAL A 445 16.44 -7.24 -15.41
C VAL A 445 17.72 -8.07 -15.24
N PRO A 446 18.68 -7.96 -16.18
CA PRO A 446 19.81 -8.89 -16.15
C PRO A 446 20.85 -8.63 -15.03
N ASP A 447 21.00 -7.38 -14.61
CA ASP A 447 22.03 -6.97 -13.64
C ASP A 447 21.42 -5.96 -12.66
N LEU A 448 21.04 -6.42 -11.48
CA LEU A 448 20.33 -5.55 -10.54
C LEU A 448 21.17 -4.42 -9.95
N ALA A 449 22.47 -4.65 -9.78
CA ALA A 449 23.38 -3.64 -9.28
C ALA A 449 23.53 -2.47 -10.25
N ALA A 450 23.66 -2.76 -11.53
CA ALA A 450 23.70 -1.71 -12.53
C ALA A 450 22.32 -1.00 -12.58
N TRP A 451 21.24 -1.76 -12.48
CA TRP A 451 19.90 -1.18 -12.51
C TRP A 451 19.64 -0.23 -11.33
N VAL A 452 20.03 -0.63 -10.12
CA VAL A 452 19.79 0.25 -8.96
C VAL A 452 20.72 1.49 -9.04
N THR A 453 21.87 1.34 -9.68
CA THR A 453 22.81 2.44 -9.89
C THR A 453 22.22 3.49 -10.82
N SER A 454 21.58 3.03 -11.89
CA SER A 454 20.86 3.90 -12.80
C SER A 454 19.62 4.52 -12.17
N PHE A 455 18.92 3.77 -11.34
CA PHE A 455 17.72 4.28 -10.65
C PHE A 455 18.08 5.51 -9.81
N ALA A 456 19.09 5.36 -8.98
CA ALA A 456 19.64 6.47 -8.19
C ALA A 456 20.14 7.64 -9.04
N ALA A 457 20.83 7.33 -10.13
CA ALA A 457 21.33 8.39 -11.04
C ALA A 457 20.20 9.25 -11.65
N ARG A 458 19.16 8.62 -12.12
CA ARG A 458 18.02 9.37 -12.68
C ARG A 458 17.25 10.14 -11.61
N ARG A 459 17.09 9.51 -10.46
CA ARG A 459 16.38 10.11 -9.34
C ARG A 459 17.08 11.38 -8.82
N TYR A 460 18.40 11.36 -8.75
CA TYR A 460 19.14 12.53 -8.30
C TYR A 460 19.59 13.50 -9.39
N GLY A 461 19.54 13.09 -10.66
CA GLY A 461 19.92 13.97 -11.77
C GLY A 461 21.40 13.98 -12.04
N VAL A 462 22.10 13.02 -11.46
CA VAL A 462 23.56 12.89 -11.56
C VAL A 462 23.96 11.51 -11.03
N SER A 463 24.93 10.88 -11.66
CA SER A 463 25.48 9.60 -11.21
C SER A 463 26.68 9.87 -10.30
N HIS A 464 26.44 9.82 -9.01
CA HIS A 464 27.43 10.10 -7.99
C HIS A 464 28.00 8.76 -7.54
N PRO A 465 29.35 8.66 -7.40
CA PRO A 465 29.96 7.36 -7.09
C PRO A 465 29.64 6.87 -5.68
N ASP A 466 29.58 7.78 -4.71
CA ASP A 466 29.12 7.44 -3.34
C ASP A 466 27.65 7.09 -3.19
N ALA A 467 26.74 7.88 -3.79
CA ALA A 467 25.33 7.55 -3.75
C ALA A 467 25.08 6.22 -4.44
N GLY A 468 25.72 6.02 -5.59
CA GLY A 468 25.63 4.77 -6.32
C GLY A 468 26.03 3.57 -5.50
N ALA A 469 27.19 3.64 -4.85
CA ALA A 469 27.66 2.59 -3.94
C ALA A 469 26.73 2.38 -2.73
N ALA A 470 26.14 3.47 -2.20
CA ALA A 470 25.16 3.32 -1.13
C ALA A 470 24.00 2.46 -1.56
N TRP A 471 23.48 2.69 -2.76
CA TRP A 471 22.34 1.96 -3.25
C TRP A 471 22.65 0.51 -3.54
N ARG A 472 23.82 0.25 -4.08
CA ARG A 472 24.29 -1.14 -4.22
C ARG A 472 24.36 -1.84 -2.87
N LEU A 473 24.80 -1.14 -1.84
CA LEU A 473 24.80 -1.72 -0.48
C LEU A 473 23.38 -2.01 0.03
N LEU A 474 22.43 -1.11 -0.21
CA LEU A 474 21.06 -1.31 0.23
C LEU A 474 20.44 -2.47 -0.56
N LEU A 475 20.74 -2.55 -1.85
CA LEU A 475 20.27 -3.62 -2.73
C LEU A 475 20.59 -5.00 -2.17
N ARG A 476 21.86 -5.22 -1.79
CA ARG A 476 22.26 -6.57 -1.33
C ARG A 476 21.87 -6.86 0.13
N SER A 477 21.45 -5.84 0.88
CA SER A 477 21.11 -6.03 2.28
C SER A 477 19.61 -5.95 2.50
N VAL A 478 19.11 -4.77 2.85
CA VAL A 478 17.72 -4.61 3.19
C VAL A 478 16.79 -5.01 2.07
N TYR A 479 17.20 -4.80 0.82
CA TYR A 479 16.36 -5.09 -0.34
C TYR A 479 16.57 -6.51 -0.93
N ASN A 480 17.31 -7.37 -0.22
CA ASN A 480 17.47 -8.74 -0.66
C ASN A 480 17.12 -9.78 0.40
N CYS A 481 15.94 -9.64 1.00
CA CYS A 481 15.46 -10.67 1.91
C CYS A 481 15.21 -11.91 1.07
N SER A 482 15.69 -13.07 1.51
CA SER A 482 15.43 -14.34 0.80
C SER A 482 15.00 -15.43 1.78
N GLY A 483 14.29 -16.43 1.27
CA GLY A 483 13.59 -17.43 2.09
C GLY A 483 12.08 -17.24 2.00
N GLU A 484 11.33 -18.12 2.67
CA GLU A 484 9.84 -18.14 2.65
C GLU A 484 9.21 -17.23 3.70
N ALA A 485 9.98 -16.72 4.65
CA ALA A 485 9.46 -15.94 5.76
C ALA A 485 9.68 -14.42 5.58
N CYS A 486 9.94 -13.97 4.36
CA CYS A 486 10.13 -12.54 4.09
C CYS A 486 8.78 -11.83 4.06
N ARG A 487 8.54 -10.97 5.05
CA ARG A 487 7.33 -10.13 5.13
C ARG A 487 7.73 -8.69 5.38
N GLY A 488 7.18 -7.74 4.62
CA GLY A 488 7.47 -6.30 4.85
C GLY A 488 6.60 -5.60 5.89
N HIS A 489 6.47 -6.26 7.05
CA HIS A 489 5.81 -5.79 8.28
CA HIS A 489 5.83 -5.65 8.20
C HIS A 489 7.02 -5.20 9.07
N ASN A 490 7.02 -3.96 9.52
CA ASN A 490 8.04 -3.49 10.49
C ASN A 490 7.68 -3.96 11.92
N ARG A 491 8.51 -4.88 12.44
CA ARG A 491 8.40 -5.42 13.79
C ARG A 491 9.58 -4.96 14.68
N SER A 492 10.25 -3.88 14.29
CA SER A 492 11.41 -3.41 15.03
C SER A 492 10.96 -2.83 16.40
N PRO A 493 11.84 -2.89 17.40
CA PRO A 493 11.47 -2.30 18.67
C PRO A 493 11.04 -0.83 18.66
N LEU A 494 11.58 -0.03 17.76
CA LEU A 494 11.17 1.37 17.63
C LEU A 494 9.64 1.53 17.59
N VAL A 495 8.97 0.72 16.76
CA VAL A 495 7.53 0.87 16.52
C VAL A 495 6.60 -0.05 17.33
N ARG A 496 7.15 -0.94 18.13
CA ARG A 496 6.35 -1.90 18.88
C ARG A 496 6.31 -1.59 20.35
N ARG A 497 5.39 -2.27 21.01
CA ARG A 497 5.19 -2.11 22.42
C ARG A 497 6.38 -2.64 23.18
N PRO A 498 7.03 -1.80 24.00
CA PRO A 498 8.23 -2.28 24.62
C PRO A 498 7.98 -3.51 25.47
N SER A 499 8.96 -4.41 25.46
CA SER A 499 8.93 -5.56 26.35
C SER A 499 10.34 -6.12 26.50
N LEU A 500 10.47 -7.14 27.33
CA LEU A 500 11.76 -7.78 27.60
C LEU A 500 12.01 -8.92 26.62
N GLN A 501 11.06 -9.18 25.71
CA GLN A 501 11.14 -10.30 24.78
C GLN A 501 11.11 -9.93 23.32
N MET A 502 11.60 -8.75 22.97
CA MET A 502 11.55 -8.28 21.59
C MET A 502 12.71 -8.96 20.84
N ASN A 503 12.46 -9.37 19.60
CA ASN A 503 13.46 -10.02 18.74
C ASN A 503 13.97 -8.97 17.76
N THR A 504 15.28 -8.81 17.79
CA THR A 504 16.02 -7.77 17.13
C THR A 504 16.74 -8.30 15.86
N SER A 505 16.47 -9.56 15.50
CA SER A 505 17.16 -10.17 14.39
C SER A 505 16.52 -9.69 13.08
N ILE A 506 17.28 -9.89 12.02
CA ILE A 506 17.06 -9.22 10.77
C ILE A 506 17.60 -10.14 9.71
N TRP A 507 17.40 -9.79 8.45
CA TRP A 507 17.71 -10.63 7.31
C TRP A 507 18.94 -10.13 6.56
N TYR A 508 19.80 -9.36 7.21
CA TYR A 508 20.94 -8.71 6.53
C TYR A 508 21.99 -8.30 7.55
N ASN A 509 23.12 -7.85 7.05
CA ASN A 509 24.21 -7.36 7.89
C ASN A 509 23.98 -5.86 8.19
N ARG A 510 23.75 -5.55 9.46
CA ARG A 510 23.50 -4.19 9.93
C ARG A 510 24.57 -3.14 9.48
N SER A 511 25.83 -3.55 9.45
CA SER A 511 26.91 -2.75 8.89
C SER A 511 26.64 -2.19 7.47
N ASP A 512 25.99 -2.98 6.61
CA ASP A 512 25.64 -2.49 5.28
C ASP A 512 24.76 -1.24 5.31
N VAL A 513 23.87 -1.15 6.30
CA VAL A 513 23.04 0.02 6.46
C VAL A 513 23.85 1.23 6.94
N PHE A 514 24.71 1.05 7.94
CA PHE A 514 25.53 2.17 8.43
C PHE A 514 26.54 2.69 7.40
N GLU A 515 27.17 1.77 6.65
CA GLU A 515 28.03 2.15 5.50
C GLU A 515 27.25 2.89 4.42
N ALA A 516 26.10 2.33 4.02
CA ALA A 516 25.24 3.01 3.04
C ALA A 516 24.89 4.44 3.49
N TRP A 517 24.55 4.59 4.76
CA TRP A 517 24.29 5.89 5.39
C TRP A 517 25.47 6.87 5.32
N ARG A 518 26.66 6.39 5.65
CA ARG A 518 27.89 7.17 5.53
C ARG A 518 28.10 7.63 4.08
N LEU A 519 28.01 6.69 3.15
CA LEU A 519 28.25 6.99 1.74
C LEU A 519 27.21 7.98 1.22
N LEU A 520 25.96 7.79 1.59
CA LEU A 520 24.93 8.71 1.11
C LEU A 520 25.11 10.09 1.73
N LEU A 521 25.47 10.15 3.00
CA LEU A 521 25.81 11.44 3.65
C LEU A 521 27.00 12.17 3.01
N THR A 522 28.05 11.44 2.64
CA THR A 522 29.19 11.99 1.86
C THR A 522 28.82 12.67 0.54
N SER A 523 27.75 12.19 -0.11
CA SER A 523 27.23 12.77 -1.34
C SER A 523 26.51 14.14 -1.15
N ALA A 524 26.21 14.53 0.10
CA ALA A 524 25.33 15.70 0.33
C ALA A 524 25.80 17.04 -0.26
N PRO A 525 27.12 17.32 -0.24
CA PRO A 525 27.59 18.58 -0.84
C PRO A 525 27.29 18.73 -2.34
N SER A 526 27.20 17.63 -3.08
CA SER A 526 26.72 17.65 -4.49
C SER A 526 25.21 17.64 -4.62
N LEU A 527 24.58 16.76 -3.85
CA LEU A 527 23.18 16.38 -4.07
C LEU A 527 22.15 17.06 -3.17
N ALA A 528 22.57 17.90 -2.23
CA ALA A 528 21.65 18.47 -1.21
C ALA A 528 20.46 19.22 -1.78
N THR A 529 20.59 19.80 -2.98
CA THR A 529 19.49 20.51 -3.64
C THR A 529 18.43 19.60 -4.27
N SER A 530 18.70 18.31 -4.41
CA SER A 530 17.69 17.37 -4.92
C SER A 530 16.68 17.01 -3.83
N PRO A 531 15.40 17.40 -4.00
CA PRO A 531 14.39 16.92 -3.04
C PRO A 531 14.39 15.38 -2.83
N ALA A 532 14.73 14.62 -3.87
CA ALA A 532 14.70 13.16 -3.81
C ALA A 532 15.90 12.67 -2.99
N PHE A 533 17.06 13.29 -3.18
CA PHE A 533 18.20 13.00 -2.33
C PHE A 533 17.86 13.30 -0.85
N ARG A 534 17.19 14.41 -0.58
CA ARG A 534 16.84 14.78 0.79
CA ARG A 534 16.84 14.78 0.79
C ARG A 534 15.89 13.74 1.40
N TYR A 535 14.92 13.31 0.61
CA TYR A 535 14.00 12.24 0.99
C TYR A 535 14.75 10.95 1.34
N ASP A 536 15.65 10.52 0.48
CA ASP A 536 16.32 9.26 0.67
C ASP A 536 17.29 9.31 1.82
N LEU A 537 17.96 10.45 2.00
CA LEU A 537 18.89 10.61 3.10
C LEU A 537 18.11 10.56 4.41
N LEU A 538 16.94 11.18 4.41
CA LEU A 538 16.10 11.18 5.60
C LEU A 538 15.59 9.77 5.88
N ASP A 539 15.15 9.06 4.85
CA ASP A 539 14.65 7.69 5.00
C ASP A 539 15.79 6.74 5.49
N LEU A 540 17.02 7.00 5.06
CA LEU A 540 18.13 6.15 5.44
C LEU A 540 18.61 6.47 6.87
N THR A 541 18.65 7.76 7.21
CA THR A 541 18.98 8.21 8.55
C THR A 541 17.97 7.61 9.54
N ARG A 542 16.71 7.74 9.20
CA ARG A 542 15.61 7.10 9.92
C ARG A 542 15.86 5.59 10.12
N GLN A 543 16.26 4.89 9.06
CA GLN A 543 16.59 3.45 9.16
C GLN A 543 17.74 3.23 10.14
N ALA A 544 18.77 4.05 10.03
CA ALA A 544 19.94 3.97 10.91
C ALA A 544 19.54 4.18 12.37
N VAL A 545 18.65 5.13 12.63
CA VAL A 545 18.14 5.30 13.97
C VAL A 545 17.35 4.08 14.43
N GLN A 546 16.55 3.49 13.54
CA GLN A 546 15.85 2.25 13.85
C GLN A 546 16.79 1.14 14.26
N GLU A 547 17.88 0.99 13.53
CA GLU A 547 18.91 0.02 13.90
C GLU A 547 19.53 0.35 15.27
N LEU A 548 19.81 1.61 15.51
CA LEU A 548 20.44 2.01 16.79
C LEU A 548 19.51 1.77 17.99
N VAL A 549 18.22 2.00 17.81
CA VAL A 549 17.24 1.72 18.85
C VAL A 549 17.28 0.25 19.23
N SER A 550 17.28 -0.63 18.23
CA SER A 550 17.45 -2.05 18.47
C SER A 550 18.75 -2.37 19.25
N LEU A 551 19.86 -1.77 18.84
CA LEU A 551 21.14 -2.06 19.50
C LEU A 551 21.15 -1.51 20.94
N TYR A 552 20.62 -0.32 21.15
CA TYR A 552 20.50 0.22 22.51
C TYR A 552 19.49 -0.58 23.35
N TYR A 553 18.42 -1.07 22.73
CA TYR A 553 17.51 -1.99 23.43
C TYR A 553 18.26 -3.21 23.97
N GLU A 554 19.10 -3.80 23.14
CA GLU A 554 19.90 -4.95 23.55
C GLU A 554 20.74 -4.65 24.80
N GLU A 555 21.45 -3.51 24.78
CA GLU A 555 22.23 -3.06 25.95
C GLU A 555 21.38 -2.84 27.19
N ALA A 556 20.29 -2.08 27.05
CA ALA A 556 19.38 -1.83 28.17
C ALA A 556 18.86 -3.14 28.77
N ARG A 557 18.45 -4.08 27.93
CA ARG A 557 17.95 -5.36 28.41
C ARG A 557 19.02 -6.15 29.19
N SER A 558 20.22 -6.27 28.64
CA SER A 558 21.31 -7.02 29.32
C SER A 558 21.67 -6.41 30.68
N ALA A 559 21.66 -5.08 30.73
CA ALA A 559 21.90 -4.36 31.96
C ALA A 559 20.77 -4.56 32.98
N TYR A 560 19.51 -4.55 32.52
CA TYR A 560 18.38 -4.90 33.40
C TYR A 560 18.57 -6.29 34.03
N LEU A 561 18.91 -7.26 33.18
CA LEU A 561 19.00 -8.66 33.58
C LEU A 561 20.16 -8.93 34.55
N SER A 562 21.26 -8.19 34.39
CA SER A 562 22.41 -8.20 35.30
C SER A 562 22.29 -7.25 36.49
N LYS A 563 21.21 -6.49 36.60
CA LYS A 563 21.03 -5.50 37.67
C LYS A 563 22.18 -4.46 37.74
N GLU A 564 22.63 -4.02 36.56
CA GLU A 564 23.70 -3.00 36.39
C GLU A 564 23.00 -1.66 36.17
N LEU A 565 22.69 -0.98 37.26
CA LEU A 565 21.87 0.24 37.25
C LEU A 565 22.41 1.38 36.37
N ALA A 566 23.67 1.72 36.58
CA ALA A 566 24.32 2.81 35.86
C ALA A 566 24.39 2.54 34.35
N SER A 567 24.68 1.29 33.98
CA SER A 567 24.67 0.88 32.58
C SER A 567 23.28 0.97 31.98
N LEU A 568 22.27 0.65 32.78
CA LEU A 568 20.87 0.64 32.35
C LEU A 568 20.38 2.07 32.18
N LEU A 569 20.73 2.96 33.11
CA LEU A 569 20.40 4.38 32.97
C LEU A 569 21.04 5.00 31.74
N ARG A 570 22.30 4.65 31.52
CA ARG A 570 23.05 5.10 30.36
C ARG A 570 22.40 4.64 29.05
N ALA A 571 22.24 3.33 28.86
CA ALA A 571 21.76 2.79 27.60
C ALA A 571 20.31 3.17 27.33
N GLY A 572 19.46 2.99 28.34
CA GLY A 572 18.04 3.35 28.22
C GLY A 572 17.85 4.84 28.07
N GLY A 573 18.73 5.58 28.73
CA GLY A 573 18.77 7.02 28.67
C GLY A 573 19.02 7.55 27.29
N VAL A 574 20.05 7.04 26.60
CA VAL A 574 20.28 7.56 25.25
C VAL A 574 19.17 7.13 24.29
N LEU A 575 18.65 5.92 24.47
CA LEU A 575 17.53 5.45 23.64
C LEU A 575 16.35 6.45 23.74
N ALA A 576 15.82 6.62 24.94
CA ALA A 576 14.57 7.34 25.15
C ALA A 576 14.68 8.87 25.18
N TYR A 577 15.79 9.38 25.69
CA TYR A 577 15.97 10.81 25.85
C TYR A 577 16.83 11.51 24.81
N GLU A 578 17.55 10.74 23.98
CA GLU A 578 18.44 11.35 22.98
C GLU A 578 18.15 10.85 21.58
N LEU A 579 18.11 9.54 21.40
CA LEU A 579 17.94 8.95 20.06
C LEU A 579 16.55 9.22 19.45
N LEU A 580 15.52 8.94 20.24
CA LEU A 580 14.15 9.09 19.82
C LEU A 580 13.79 10.54 19.53
N PRO A 581 14.15 11.46 20.45
CA PRO A 581 13.92 12.89 20.13
C PRO A 581 14.67 13.36 18.89
N ALA A 582 15.92 12.89 18.73
CA ALA A 582 16.70 13.17 17.51
C ALA A 582 15.97 12.70 16.25
N LEU A 583 15.35 11.54 16.32
CA LEU A 583 14.58 11.00 15.21
C LEU A 583 13.40 11.92 14.90
N ASP A 584 12.64 12.28 15.94
CA ASP A 584 11.48 13.12 15.71
C ASP A 584 11.88 14.43 15.05
N GLU A 585 12.96 15.03 15.55
CA GLU A 585 13.46 16.29 15.03
C GLU A 585 13.91 16.22 13.57
N VAL A 586 14.65 15.18 13.18
CA VAL A 586 15.06 15.05 11.78
C VAL A 586 13.86 14.76 10.84
N LEU A 587 12.93 13.90 11.28
CA LEU A 587 11.68 13.68 10.55
C LEU A 587 10.90 14.98 10.35
N ALA A 588 10.93 15.83 11.36
CA ALA A 588 10.21 17.09 11.30
C ALA A 588 10.76 18.09 10.28
N SER A 589 11.91 17.81 9.69
CA SER A 589 12.53 18.72 8.73
C SER A 589 12.10 18.53 7.27
N ASP A 590 11.14 17.65 7.01
CA ASP A 590 10.65 17.46 5.65
C ASP A 590 9.13 17.17 5.69
N SER A 591 8.34 17.89 4.88
CA SER A 591 6.88 17.75 4.89
C SER A 591 6.37 16.33 4.65
N ARG A 592 7.15 15.53 3.91
CA ARG A 592 6.75 14.16 3.58
C ARG A 592 6.89 13.17 4.73
N PHE A 593 7.47 13.58 5.87
CA PHE A 593 7.56 12.71 7.04
C PHE A 593 6.88 13.30 8.28
N LEU A 594 5.92 14.21 8.07
CA LEU A 594 5.16 14.81 9.17
C LEU A 594 3.82 14.09 9.36
N LEU A 595 3.53 13.64 10.58
CA LEU A 595 2.19 13.23 10.92
C LEU A 595 1.16 14.30 10.55
N GLY A 596 1.52 15.54 10.82
CA GLY A 596 0.70 16.71 10.54
C GLY A 596 0.33 16.92 9.10
N SER A 597 1.18 16.51 8.15
CA SER A 597 0.82 16.56 6.72
C SER A 597 -0.39 15.67 6.41
N TRP A 598 -0.37 14.44 6.91
CA TRP A 598 -1.51 13.52 6.75
C TRP A 598 -2.76 13.99 7.51
N LEU A 599 -2.62 14.43 8.78
CA LEU A 599 -3.78 14.91 9.52
C LEU A 599 -4.39 16.18 8.90
N GLU A 600 -3.58 17.05 8.26
CA GLU A 600 -4.19 18.19 7.57
CA GLU A 600 -4.08 18.20 7.47
C GLU A 600 -4.96 17.71 6.29
N GLN A 601 -4.58 16.59 5.68
CA GLN A 601 -5.36 16.00 4.60
C GLN A 601 -6.74 15.61 5.19
N ALA A 602 -6.74 15.04 6.37
CA ALA A 602 -7.99 14.63 7.03
C ALA A 602 -8.89 15.81 7.37
N ARG A 603 -8.31 16.86 7.95
CA ARG A 603 -9.06 18.09 8.24
C ARG A 603 -9.67 18.69 6.96
N ALA A 604 -8.91 18.69 5.87
CA ALA A 604 -9.37 19.27 4.60
C ALA A 604 -10.49 18.38 3.98
N ALA A 605 -10.50 17.09 4.27
CA ALA A 605 -11.65 16.25 3.89
C ALA A 605 -12.91 16.59 4.68
N ALA A 606 -12.80 17.00 5.94
CA ALA A 606 -13.94 17.47 6.75
C ALA A 606 -14.49 18.85 6.27
N VAL A 607 -15.72 19.15 6.68
CA VAL A 607 -16.37 20.40 6.38
C VAL A 607 -16.67 21.24 7.62
N SER A 608 -16.29 20.75 8.79
CA SER A 608 -16.47 21.45 10.06
C SER A 608 -15.37 21.10 11.07
N GLU A 609 -15.17 21.85 12.14
CA GLU A 609 -14.15 21.54 13.13
C GLU A 609 -14.40 20.20 13.81
N ALA A 610 -15.65 19.95 14.14
CA ALA A 610 -16.05 18.73 14.81
C ALA A 610 -15.79 17.52 13.92
N GLU A 611 -16.19 17.64 12.67
CA GLU A 611 -15.95 16.57 11.71
C GLU A 611 -14.46 16.36 11.48
N ALA A 612 -13.68 17.44 11.44
CA ALA A 612 -12.23 17.34 11.33
C ALA A 612 -11.59 16.64 12.53
N ASP A 613 -12.05 16.97 13.74
CA ASP A 613 -11.57 16.28 14.93
C ASP A 613 -11.85 14.78 14.83
N PHE A 614 -13.06 14.45 14.36
CA PHE A 614 -13.46 13.07 14.18
C PHE A 614 -12.56 12.32 13.17
N TYR A 615 -12.29 12.91 12.01
CA TYR A 615 -11.41 12.27 11.02
C TYR A 615 -10.00 12.10 11.55
N GLU A 616 -9.50 13.09 12.30
CA GLU A 616 -8.14 13.02 12.83
C GLU A 616 -8.04 11.96 13.90
N GLN A 617 -9.08 11.85 14.72
CA GLN A 617 -9.12 10.76 15.70
C GLN A 617 -9.13 9.38 15.02
N ASN A 618 -9.95 9.25 13.98
CA ASN A 618 -9.95 8.07 13.12
C ASN A 618 -8.55 7.69 12.65
N SER A 619 -7.81 8.69 12.18
CA SER A 619 -6.43 8.50 11.69
C SER A 619 -5.48 8.06 12.78
N ARG A 620 -5.58 8.68 13.94
CA ARG A 620 -4.71 8.32 15.04
C ARG A 620 -4.97 6.91 15.57
N TYR A 621 -6.23 6.52 15.70
CA TYR A 621 -6.56 5.09 15.94
C TYR A 621 -5.89 4.15 14.94
N GLN A 622 -6.07 4.45 13.66
CA GLN A 622 -5.60 3.56 12.58
C GLN A 622 -4.09 3.26 12.65
N LEU A 623 -3.31 4.30 12.95
CA LEU A 623 -1.85 4.16 13.07
C LEU A 623 -1.32 3.44 14.32
N THR A 624 -2.15 3.30 15.35
CA THR A 624 -1.72 2.87 16.68
C THR A 624 -2.60 1.72 17.15
N LEU A 625 -3.60 1.99 17.99
CA LEU A 625 -4.38 0.93 18.63
C LEU A 625 -5.13 0.07 17.61
N TRP A 626 -5.55 0.72 16.53
CA TRP A 626 -6.35 0.15 15.44
C TRP A 626 -7.81 0.06 15.90
N GLY A 627 -8.07 -0.84 16.84
CA GLY A 627 -9.37 -0.92 17.50
C GLY A 627 -9.37 -0.32 18.90
N PRO A 628 -10.54 -0.28 19.56
CA PRO A 628 -10.72 0.42 20.86
C PRO A 628 -9.88 -0.13 22.03
N GLU A 629 -9.61 -1.43 22.01
CA GLU A 629 -8.78 -2.15 22.99
C GLU A 629 -7.36 -2.53 22.46
N GLY A 630 -6.85 -1.84 21.44
CA GLY A 630 -5.56 -2.24 20.88
C GLY A 630 -5.66 -3.56 20.14
N ASN A 631 -6.72 -3.67 19.37
CA ASN A 631 -7.11 -4.93 18.78
C ASN A 631 -6.08 -5.43 17.75
N ILE A 632 -5.46 -4.52 17.03
CA ILE A 632 -4.39 -4.86 16.10
C ILE A 632 -3.23 -3.86 16.29
N LEU A 633 -2.75 -3.83 17.51
CA LEU A 633 -1.81 -2.83 18.02
C LEU A 633 -0.58 -2.67 17.11
N ASP A 634 -0.40 -1.45 16.62
CA ASP A 634 0.80 -1.05 15.86
C ASP A 634 0.93 -1.68 14.51
N TYR A 635 -0.14 -2.28 14.02
CA TYR A 635 -0.08 -2.91 12.73
C TYR A 635 0.20 -1.90 11.62
N ALA A 636 -0.41 -0.74 11.69
CA ALA A 636 -0.22 0.31 10.67
C ALA A 636 0.76 1.38 11.15
N ASN A 637 1.81 0.93 11.83
CA ASN A 637 2.84 1.83 12.34
C ASN A 637 3.47 2.59 11.20
N LYS A 638 3.97 3.77 11.54
CA LYS A 638 4.66 4.68 10.65
C LYS A 638 5.77 5.36 11.45
N GLN A 639 6.71 5.99 10.74
CA GLN A 639 7.77 6.73 11.37
C GLN A 639 7.68 8.14 10.86
N LEU A 640 6.86 8.91 11.58
CA LEU A 640 6.51 10.29 11.27
C LEU A 640 6.77 11.21 12.47
N ALA A 641 7.16 12.46 12.18
CA ALA A 641 7.28 13.51 13.19
C ALA A 641 5.95 13.73 13.90
N GLY A 642 6.00 13.91 15.22
CA GLY A 642 4.79 14.01 16.00
C GLY A 642 4.36 12.66 16.53
N LEU A 643 4.29 11.65 15.67
CA LEU A 643 3.94 10.28 16.11
C LEU A 643 5.10 9.70 16.93
N VAL A 644 6.33 9.97 16.54
CA VAL A 644 7.45 9.48 17.37
C VAL A 644 7.54 10.24 18.69
N ALA A 645 7.41 11.57 18.68
CA ALA A 645 7.48 12.32 19.93
C ALA A 645 6.34 11.99 20.93
N ASN A 646 5.11 11.82 20.44
CA ASN A 646 3.93 11.70 21.34
C ASN A 646 3.33 10.31 21.47
N TYR A 647 3.83 9.34 20.70
CA TYR A 647 3.36 7.97 20.82
C TYR A 647 4.51 7.00 21.10
N TYR A 648 5.48 6.84 20.17
CA TYR A 648 6.58 5.88 20.41
C TYR A 648 7.48 6.23 21.60
N THR A 649 7.81 7.50 21.76
CA THR A 649 8.76 7.91 22.79
C THR A 649 8.20 7.78 24.22
N PRO A 650 6.96 8.24 24.48
CA PRO A 650 6.43 8.06 25.84
C PRO A 650 6.38 6.60 26.29
N ARG A 651 6.09 5.67 25.38
CA ARG A 651 6.12 4.25 25.74
C ARG A 651 7.52 3.77 26.18
N TRP A 652 8.52 4.15 25.40
CA TRP A 652 9.91 3.86 25.76
C TRP A 652 10.38 4.52 27.07
N ARG A 653 9.99 5.77 27.33
CA ARG A 653 10.27 6.45 28.61
CA ARG A 653 10.34 6.40 28.60
C ARG A 653 9.69 5.64 29.75
N LEU A 654 8.40 5.29 29.61
CA LEU A 654 7.71 4.53 30.67
C LEU A 654 8.41 3.19 30.94
N PHE A 655 8.78 2.52 29.86
CA PHE A 655 9.44 1.21 29.93
C PHE A 655 10.78 1.29 30.68
N LEU A 656 11.66 2.20 30.22
N LEU A 656 11.63 2.19 30.25
CA LEU A 656 12.94 2.51 30.87
CA LEU A 656 12.93 2.32 30.85
C LEU A 656 12.75 2.75 32.34
C LEU A 656 12.83 2.81 32.32
N GLU A 657 11.85 3.67 32.65
CA GLU A 657 11.53 4.02 34.04
C GLU A 657 11.08 2.85 34.93
N ALA A 658 10.26 1.96 34.36
CA ALA A 658 9.80 0.75 35.06
C ALA A 658 10.98 -0.22 35.28
N LEU A 659 11.88 -0.34 34.28
CA LEU A 659 13.10 -1.14 34.49
C LEU A 659 14.02 -0.58 35.58
N VAL A 660 14.25 0.74 35.59
CA VAL A 660 15.18 1.28 36.56
C VAL A 660 14.57 1.26 37.97
N ASP A 661 13.27 1.53 38.06
CA ASP A 661 12.56 1.36 39.30
C ASP A 661 12.69 -0.10 39.80
N SER A 662 12.52 -1.08 38.92
CA SER A 662 12.65 -2.50 39.28
C SER A 662 14.04 -2.85 39.80
N VAL A 663 15.06 -2.41 39.09
CA VAL A 663 16.44 -2.68 39.57
C VAL A 663 16.72 -1.93 40.84
N ALA A 664 16.27 -0.68 40.93
CA ALA A 664 16.54 0.16 42.12
C ALA A 664 15.89 -0.36 43.41
N GLN A 665 14.66 -0.89 43.33
CA GLN A 665 14.06 -1.60 44.47
C GLN A 665 14.51 -3.05 44.38
N GLY A 666 13.98 -3.90 45.24
CA GLY A 666 14.26 -5.32 45.10
C GLY A 666 13.57 -6.00 43.92
N ILE A 667 12.68 -5.29 43.21
CA ILE A 667 11.42 -5.87 42.72
C ILE A 667 11.46 -6.27 41.24
N PRO A 668 10.99 -7.51 40.91
CA PRO A 668 10.87 -7.88 39.50
C PRO A 668 9.91 -6.99 38.69
N PHE A 669 10.27 -6.79 37.44
CA PHE A 669 9.47 -6.03 36.50
C PHE A 669 8.32 -6.93 36.10
N GLN A 670 7.08 -6.43 36.18
CA GLN A 670 5.92 -7.21 35.70
C GLN A 670 5.25 -6.60 34.45
N GLN A 671 5.36 -7.36 33.36
CA GLN A 671 4.80 -7.03 32.05
C GLN A 671 3.35 -6.68 32.04
N HIS A 672 2.55 -7.46 32.78
CA HIS A 672 1.09 -7.32 32.77
C HIS A 672 0.68 -5.96 33.35
N GLN A 673 1.46 -5.47 34.33
CA GLN A 673 1.18 -4.19 34.97
C GLN A 673 1.60 -3.01 34.07
N PHE A 674 2.78 -3.12 33.46
CA PHE A 674 3.28 -2.15 32.50
C PHE A 674 2.34 -2.08 31.30
N ASP A 675 1.82 -3.24 30.90
CA ASP A 675 0.85 -3.33 29.80
C ASP A 675 -0.40 -2.47 30.07
N LYS A 676 -0.87 -2.44 31.31
CA LYS A 676 -1.99 -1.56 31.68
C LYS A 676 -1.62 -0.07 31.67
N ASN A 677 -0.43 0.26 32.18
CA ASN A 677 0.00 1.66 32.23
C ASN A 677 0.30 2.22 30.84
N VAL A 678 0.96 1.42 30.00
CA VAL A 678 1.37 1.92 28.70
C VAL A 678 0.13 2.10 27.79
N PHE A 679 -0.90 1.28 28.02
CA PHE A 679 -2.15 1.40 27.28
C PHE A 679 -2.77 2.79 27.50
N GLN A 680 -2.76 3.29 28.73
CA GLN A 680 -3.21 4.65 29.03
C GLN A 680 -2.46 5.70 28.19
N LEU A 681 -1.16 5.56 28.04
CA LEU A 681 -0.40 6.51 27.20
C LEU A 681 -0.72 6.36 25.71
N GLU A 682 -0.87 5.13 25.25
CA GLU A 682 -1.20 4.90 23.82
C GLU A 682 -2.59 5.52 23.48
N GLN A 683 -3.55 5.23 24.32
CA GLN A 683 -4.89 5.79 24.22
C GLN A 683 -4.91 7.34 24.35
N ALA A 684 -4.06 7.89 25.21
CA ALA A 684 -3.99 9.34 25.34
C ALA A 684 -3.52 10.00 24.05
N PHE A 685 -2.56 9.38 23.36
CA PHE A 685 -2.16 9.87 22.04
C PHE A 685 -3.36 9.91 21.10
N VAL A 686 -4.18 8.85 21.13
CA VAL A 686 -5.34 8.77 20.23
C VAL A 686 -6.42 9.82 20.52
N LEU A 687 -6.75 9.99 21.79
CA LEU A 687 -7.84 10.86 22.21
C LEU A 687 -7.46 12.33 22.37
N SER A 688 -6.17 12.65 22.39
CA SER A 688 -5.74 14.05 22.51
C SER A 688 -6.20 14.87 21.31
N LYS A 689 -6.51 16.14 21.54
CA LYS A 689 -6.93 17.07 20.47
C LYS A 689 -5.80 17.98 20.02
N GLN A 690 -4.61 17.68 20.50
CA GLN A 690 -3.37 18.23 20.00
C GLN A 690 -3.31 18.27 18.47
N ARG A 691 -2.92 19.41 17.93
CA ARG A 691 -2.68 19.58 16.52
C ARG A 691 -1.17 19.42 16.25
N TYR A 692 -0.83 18.97 15.06
CA TYR A 692 0.52 18.62 14.69
C TYR A 692 0.91 19.51 13.54
N PRO A 693 2.15 20.00 13.49
CA PRO A 693 2.54 20.90 12.39
C PRO A 693 2.48 20.20 11.04
N SER A 694 2.10 20.92 10.01
CA SER A 694 2.20 20.47 8.63
C SER A 694 3.29 21.15 7.83
N GLN A 695 4.04 22.07 8.45
CA GLN A 695 5.20 22.70 7.82
C GLN A 695 6.50 22.15 8.39
N PRO A 696 7.50 21.88 7.53
CA PRO A 696 8.79 21.42 8.05
C PRO A 696 9.55 22.47 8.88
N ARG A 697 10.47 22.03 9.71
CA ARG A 697 11.28 22.89 10.54
C ARG A 697 12.71 22.30 10.63
N GLY A 698 13.72 23.16 10.45
CA GLY A 698 15.12 22.72 10.47
C GLY A 698 15.62 22.25 9.11
N ASP A 699 16.89 21.88 9.04
CA ASP A 699 17.53 21.42 7.79
C ASP A 699 17.89 19.92 7.87
N THR A 700 17.37 19.17 6.94
CA THR A 700 17.54 17.73 6.94
C THR A 700 19.00 17.25 6.91
N VAL A 701 19.79 17.84 6.01
CA VAL A 701 21.21 17.46 5.83
C VAL A 701 22.02 17.69 7.11
N ASP A 702 21.86 18.88 7.69
CA ASP A 702 22.50 19.29 8.94
C ASP A 702 22.12 18.37 10.12
N LEU A 703 20.83 18.07 10.27
CA LEU A 703 20.38 17.23 11.37
C LEU A 703 20.89 15.78 11.22
N ALA A 704 20.88 15.28 9.97
CA ALA A 704 21.36 13.93 9.67
C ALA A 704 22.84 13.79 9.95
N LYS A 705 23.60 14.78 9.51
CA LYS A 705 25.03 14.89 9.82
C LYS A 705 25.33 14.85 11.35
N LYS A 706 24.60 15.62 12.14
CA LYS A 706 24.73 15.56 13.62
C LYS A 706 24.44 14.17 14.20
N ILE A 707 23.36 13.53 13.76
CA ILE A 707 23.06 12.21 14.22
C ILE A 707 24.23 11.26 13.85
N PHE A 708 24.68 11.35 12.61
CA PHE A 708 25.80 10.52 12.18
C PHE A 708 27.09 10.78 13.00
N LEU A 709 27.49 12.04 13.14
CA LEU A 709 28.72 12.34 13.90
C LEU A 709 28.66 11.84 15.34
N LYS A 710 27.49 11.93 15.94
CA LYS A 710 27.32 11.44 17.31
C LYS A 710 27.25 9.92 17.42
N TYR A 711 26.46 9.25 16.59
CA TYR A 711 26.19 7.80 16.83
C TYR A 711 27.05 6.82 16.00
N TYR A 712 27.44 7.20 14.78
CA TYR A 712 28.25 6.31 13.95
C TYR A 712 29.57 5.82 14.60
N PRO A 713 30.38 6.71 15.25
CA PRO A 713 31.62 6.23 15.94
C PRO A 713 31.36 5.24 17.09
N ARG A 714 30.23 5.38 17.76
CA ARG A 714 29.80 4.41 18.79
C ARG A 714 29.51 3.04 18.18
N TRP A 715 28.99 3.04 16.96
CA TRP A 715 28.72 1.80 16.24
C TRP A 715 30.03 1.09 15.89
N VAL A 716 30.96 1.82 15.27
CA VAL A 716 32.23 1.20 14.84
C VAL A 716 33.05 0.75 16.05
N ALA A 717 32.98 1.49 17.15
CA ALA A 717 33.75 1.18 18.37
C ALA A 717 33.03 0.27 19.39
N GLY A 718 31.76 -0.08 19.16
CA GLY A 718 30.99 -0.91 20.10
C GLY A 718 30.71 -0.28 21.47
N SER A 719 30.80 1.05 21.57
CA SER A 719 30.80 1.78 22.85
C SER A 719 29.58 2.69 23.01
N TRP A 720 28.61 2.23 23.79
CA TRP A 720 27.24 2.68 23.73
C TRP A 720 26.89 3.75 24.77
C1 NAG B . -17.36 -4.57 22.69
C2 NAG B . -18.19 -4.55 23.97
C3 NAG B . -18.50 -3.12 24.36
C4 NAG B . -17.25 -2.27 24.46
C5 NAG B . -16.49 -2.37 23.11
C6 NAG B . -15.17 -1.60 23.08
C7 NAG B . -19.77 -6.45 24.03
C8 NAG B . -21.09 -6.89 23.43
N2 NAG B . -19.41 -5.24 23.61
O3 NAG B . -19.18 -3.03 25.62
O4 NAG B . -17.67 -0.93 24.75
O5 NAG B . -16.19 -3.72 22.77
O6 NAG B . -14.21 -2.12 24.00
O7 NAG B . -19.14 -7.12 24.82
C1 NAG B . -17.00 -0.35 25.90
C2 NAG B . -17.03 1.17 25.82
C3 NAG B . -16.41 1.87 27.06
C4 NAG B . -16.59 1.17 28.43
C5 NAG B . -16.65 -0.37 28.28
C6 NAG B . -17.12 -1.10 29.54
C7 NAG B . -16.80 1.97 23.47
C8 NAG B . -15.77 2.28 22.41
N2 NAG B . -16.29 1.57 24.63
O3 NAG B . -16.95 3.18 27.13
O4 NAG B . -15.47 1.61 29.27
O5 NAG B . -17.51 -0.75 27.18
O6 NAG B . -18.54 -0.99 29.66
O7 NAG B . -18.00 2.07 23.25
C1 BMA B . -15.62 2.37 30.54
C2 BMA B . -16.39 3.70 30.40
C3 BMA B . -16.43 4.44 31.73
C4 BMA B . -16.95 3.53 32.87
C5 BMA B . -16.17 2.20 32.95
C6 BMA B . -16.83 1.21 33.96
O2 BMA B . -17.77 3.57 30.02
O3 BMA B . -17.27 5.59 31.56
O4 BMA B . -16.88 4.23 34.11
O5 BMA B . -16.09 1.57 31.65
O6 BMA B . -16.22 1.24 35.25
C1 NAG C . -0.63 -29.68 -18.43
C2 NAG C . -0.56 -30.75 -17.33
C3 NAG C . -0.64 -32.12 -18.02
C4 NAG C . -1.96 -32.30 -18.75
C5 NAG C . -2.29 -31.09 -19.63
C6 NAG C . -3.79 -30.93 -19.85
C7 NAG C . 0.55 -30.62 -15.12
C8 NAG C . 1.84 -30.50 -14.35
N2 NAG C . 0.62 -30.63 -16.46
O3 NAG C . -0.48 -33.15 -17.04
O4 NAG C . -1.81 -33.45 -19.61
O5 NAG C . -1.88 -29.82 -19.10
O6 NAG C . -3.94 -31.06 -21.25
O7 NAG C . -0.49 -30.70 -14.49
C1 NAG C . -2.94 -34.35 -19.75
C2 NAG C . -2.71 -35.15 -21.05
C3 NAG C . -3.44 -36.50 -20.91
C4 NAG C . -2.63 -37.31 -19.88
C5 NAG C . -2.47 -36.51 -18.56
C6 NAG C . -0.98 -36.35 -18.20
C7 NAG C . -2.15 -34.04 -23.22
C8 NAG C . -2.70 -33.26 -24.40
N2 NAG C . -3.05 -34.40 -22.27
O3 NAG C . -3.52 -37.23 -22.14
O4 NAG C . -3.22 -38.61 -19.66
O5 NAG C . -3.14 -35.21 -18.60
O6 NAG C . -0.79 -36.28 -16.78
O7 NAG C . -0.96 -34.32 -23.18
C1 NAG D . 20.20 -12.12 -2.83
C2 NAG D . 21.41 -11.71 -3.69
C3 NAG D . 21.91 -12.90 -4.51
C4 NAG D . 22.17 -14.18 -3.68
C5 NAG D . 21.03 -14.42 -2.65
C6 NAG D . 21.46 -15.29 -1.48
C7 NAG D . 21.51 -9.42 -4.68
C8 NAG D . 20.89 -8.60 -5.78
N2 NAG D . 21.03 -10.66 -4.63
O3 NAG D . 23.10 -12.48 -5.18
O4 NAG D . 22.32 -15.34 -4.56
O5 NAG D . 20.56 -13.22 -2.00
O6 NAG D . 22.52 -14.61 -0.80
O7 NAG D . 22.35 -8.92 -3.96
C1 NAG D . 23.62 -16.03 -4.52
C2 NAG D . 23.49 -17.56 -4.67
C3 NAG D . 24.76 -18.30 -5.17
C4 NAG D . 25.73 -17.47 -6.03
C5 NAG D . 25.84 -16.06 -5.46
C6 NAG D . 26.81 -15.15 -6.21
C7 NAG D . 22.00 -18.78 -3.05
C8 NAG D . 21.95 -19.35 -1.65
N2 NAG D . 23.16 -18.19 -3.38
O3 NAG D . 24.36 -19.45 -5.93
O4 NAG D . 27.01 -18.15 -6.08
O5 NAG D . 24.53 -15.47 -5.49
O6 NAG D . 27.21 -14.09 -5.34
O7 NAG D . 21.03 -18.85 -3.81
C1 NAG E . -29.49 -22.31 5.50
C2 NAG E . -30.30 -23.60 5.72
C3 NAG E . -29.35 -24.79 6.00
C4 NAG E . -28.24 -24.97 4.94
C5 NAG E . -27.62 -23.63 4.54
C6 NAG E . -26.86 -23.84 3.22
C7 NAG E . -32.52 -23.06 6.71
C8 NAG E . -33.30 -22.89 8.00
N2 NAG E . -31.22 -23.38 6.83
O3 NAG E . -30.04 -26.03 6.04
O4 NAG E . -27.23 -25.87 5.42
O5 NAG E . -28.58 -22.55 4.41
O6 NAG E . -26.21 -22.63 2.84
O7 NAG E . -33.05 -22.91 5.61
C1 NAG F . 14.32 -14.67 16.77
C2 NAG F . 14.84 -15.76 17.74
C3 NAG F . 15.74 -16.79 17.02
C4 NAG F . 15.13 -17.37 15.75
C5 NAG F . 14.63 -16.23 14.84
C6 NAG F . 13.96 -16.87 13.63
C7 NAG F . 15.39 -15.31 20.15
C8 NAG F . 16.37 -14.62 21.05
N2 NAG F . 15.63 -15.18 18.83
O3 NAG F . 16.06 -17.87 17.90
O4 NAG F . 16.06 -18.23 15.04
O5 NAG F . 13.77 -15.31 15.57
O6 NAG F . 13.16 -15.92 12.94
O7 NAG F . 14.43 -15.93 20.59
C1 NAG G . 29.26 -7.74 7.98
C2 NAG G . 30.11 -8.99 7.72
C3 NAG G . 31.27 -8.98 8.78
C4 NAG G . 32.13 -7.72 8.53
C5 NAG G . 31.24 -6.45 8.53
C6 NAG G . 32.06 -5.18 8.21
C7 NAG G . 28.66 -10.92 8.45
C8 NAG G . 27.87 -12.10 7.94
N2 NAG G . 29.29 -10.20 7.51
O3 NAG G . 32.12 -10.14 8.73
O4 NAG G . 33.23 -7.66 9.46
O5 NAG G . 30.08 -6.59 7.66
O6 NAG G . 32.45 -5.13 6.83
O7 NAG G . 28.72 -10.64 9.65
C1 GOL H . -3.66 -8.49 2.39
O1 GOL H . -2.90 -7.41 1.86
C2 GOL H . -4.99 -7.89 2.79
O2 GOL H . -5.68 -8.79 3.65
C3 GOL H . -5.84 -7.66 1.54
O3 GOL H . -6.67 -8.79 1.30
C1 GOL I . -12.40 14.81 -14.80
O1 GOL I . -11.81 13.58 -15.23
C2 GOL I . -12.40 15.92 -15.87
O2 GOL I . -13.44 15.72 -16.84
C3 GOL I . -11.07 16.05 -16.62
O3 GOL I . -9.96 16.00 -15.71
C1 GOL J . -5.73 -11.70 10.45
O1 GOL J . -4.60 -12.60 10.52
C2 GOL J . -6.27 -11.33 11.85
O2 GOL J . -7.58 -11.89 12.07
C3 GOL J . -6.36 -9.81 12.04
O3 GOL J . -5.43 -9.39 13.05
C1 XYL K . 8.04 1.78 -19.99
C2 XYL K . 6.75 1.77 -19.16
C3 XYL K . 6.63 1.11 -17.80
C4 XYL K . 7.96 1.13 -17.12
C5 XYL K . 7.81 0.88 -15.63
O1 XYL K . 8.76 0.54 -20.05
O2 XYL K . 6.50 3.14 -18.84
O3 XYL K . 6.11 -0.22 -17.88
O4 XYL K . 8.83 0.18 -17.75
O5 XYL K . 7.45 2.08 -14.97
C1 XYL L . -5.19 -6.09 9.69
C2 XYL L . -4.70 -5.52 8.37
C3 XYL L . -4.80 -6.38 7.10
C4 XYL L . -4.77 -7.90 7.23
C5 XYL L . -3.35 -8.46 7.30
O1 XYL L . -4.06 -6.79 10.18
O2 XYL L . -5.40 -4.34 8.20
O3 XYL L . -3.72 -6.06 6.23
O4 XYL L . -5.66 -8.22 8.32
O5 XYL L . -3.33 -9.89 7.17
#